data_3LVV
#
_entry.id   3LVV
#
_cell.length_a   117.863
_cell.length_b   117.863
_cell.length_c   165.562
_cell.angle_alpha   90.00
_cell.angle_beta   90.00
_cell.angle_gamma   90.00
#
_symmetry.space_group_name_H-M   'P 43 21 2'
#
loop_
_entity.id
_entity.type
_entity.pdbx_description
1 polymer 'Glutamate--cysteine ligase'
2 non-polymer '(2S)-2-amino-4-(S-butyl-N-phosphonosulfonimidoyl)butanoic acid'
3 non-polymer "ADENOSINE-5'-DIPHOSPHATE"
4 non-polymer 'MAGNESIUM ION'
5 non-polymer 'TRIETHYLENE GLYCOL'
6 water water
#
_entity_poly.entity_id   1
_entity_poly.type   'polypeptide(L)'
_entity_poly.pdbx_seq_one_letter_code
;MGLLALGTPLQWFESRTYNEHIRDEGIEQLLYIFQAAGKRDNDPLFWGDELEYMVVDFDDKERNSMLDVCHDKILTELNM
EDSSLCEANDVSFHPEYGRYMLEATPASPYLNYVGSYVEVNMQKRRAIAEYKLSEYARQDSKNNLHVGSRSVPLTLTVFP
RMGCPDFINIKDPWNHKNAASRSLFLPDEVINRHVRFPNLTASIRTRRGEKVCMNVPMYKDIATPETDDSIYDRDWFLPE
DKEAKLASKPGFIYMDSMGFGMGCSCLQVTFQAPNINKARYLYDALVNFAPIMLAFSAAAPAFKGWLADQDVRWNVISGA
VDDRTPKERGVAPLLPKYNKNGFGGIAKDVQDKVLEIPKSRYSSVDLFLGGSKFFNRTYNDTNVPINEKVLGRLLENDKA
PLDYDLAKHFAHLYIRDPVSTFEELLNQDNKTSSNHFENIQSTNWQTLRFKPPTQQATPDKKDSPGWRVEFRPFEVQLLD
FENAAYSVLIYLIVDSILTFSDNINAYIHMSKVWENMKIAHHRDAILFEKFHWKKSFRNDTDVETEDYSISEIFHNPENG
IFPQFVTPILCQKGFVTKDWKELKHSSKHERLYYYLKLISDRASGELPTTAKFFRNFVLQHPDYKHDSKISKSINYDLLS
TCDRLTHLDDSKGELTSFLGAEIAEYVKKNKPSIESKCDKLAAALGHHHHHH
;
_entity_poly.pdbx_strand_id   A
#
# COMPACT_ATOMS: atom_id res chain seq x y z
N GLY A 2 -10.01 14.69 0.88
CA GLY A 2 -9.79 16.12 0.51
C GLY A 2 -8.67 16.38 -0.49
N LEU A 3 -8.94 17.22 -1.50
CA LEU A 3 -7.96 17.70 -2.50
C LEU A 3 -6.74 18.41 -1.90
N LEU A 4 -5.54 18.05 -2.38
CA LEU A 4 -4.28 18.65 -1.90
C LEU A 4 -4.10 20.17 -2.22
N ALA A 5 -3.66 20.93 -1.20
CA ALA A 5 -3.37 22.38 -1.33
C ALA A 5 -2.23 22.73 -2.34
N LEU A 6 -2.19 23.99 -2.80
CA LEU A 6 -1.25 24.40 -3.87
C LEU A 6 0.18 24.70 -3.38
N GLY A 7 1.15 24.57 -4.30
CA GLY A 7 2.54 24.88 -4.04
C GLY A 7 3.41 24.98 -5.27
N THR A 8 4.65 25.42 -5.05
CA THR A 8 5.68 25.51 -6.10
C THR A 8 6.77 24.54 -5.68
N PRO A 9 6.80 23.35 -6.31
CA PRO A 9 7.79 22.38 -5.84
C PRO A 9 9.21 22.78 -6.22
N LEU A 10 10.19 22.38 -5.43
CA LEU A 10 11.57 22.60 -5.78
C LEU A 10 12.04 21.32 -6.44
N GLN A 11 12.76 21.45 -7.55
CA GLN A 11 13.33 20.28 -8.18
C GLN A 11 14.59 19.89 -7.44
N TRP A 12 15.04 18.66 -7.63
CA TRP A 12 16.07 18.07 -6.75
C TRP A 12 17.31 18.92 -6.61
N PHE A 13 17.86 19.41 -7.72
CA PHE A 13 19.09 20.22 -7.65
C PHE A 13 18.91 21.47 -6.85
N GLU A 14 17.69 21.96 -6.83
CA GLU A 14 17.40 23.19 -6.13
C GLU A 14 16.98 22.92 -4.70
N SER A 15 16.51 21.70 -4.40
CA SER A 15 15.91 21.42 -3.09
C SER A 15 16.86 20.69 -2.17
N ARG A 16 17.74 19.90 -2.78
CA ARG A 16 18.69 19.14 -2.01
C ARG A 16 19.42 20.02 -0.99
N THR A 17 19.60 21.29 -1.30
CA THR A 17 20.33 22.16 -0.36
C THR A 17 19.61 22.35 1.01
N TYR A 18 18.31 22.09 1.07
CA TYR A 18 17.61 22.22 2.37
C TYR A 18 17.39 20.90 3.13
N ASN A 19 18.08 19.84 2.71
CA ASN A 19 17.85 18.52 3.30
C ASN A 19 18.06 18.58 4.79
N GLU A 20 19.20 19.10 5.23
CA GLU A 20 19.46 19.14 6.68
C GLU A 20 18.49 20.08 7.38
N HIS A 21 18.18 21.22 6.74
CA HIS A 21 17.28 22.20 7.35
C HIS A 21 15.93 21.52 7.64
N ILE A 22 15.42 20.82 6.63
CA ILE A 22 14.13 20.17 6.69
C ILE A 22 14.15 19.09 7.81
N ARG A 23 15.18 18.22 7.81
CA ARG A 23 15.35 17.22 8.87
C ARG A 23 15.38 17.87 10.26
N ASP A 24 16.23 18.90 10.44
CA ASP A 24 16.35 19.56 11.74
C ASP A 24 15.03 20.08 12.22
N GLU A 25 14.39 20.86 11.38
CA GLU A 25 13.17 21.54 11.79
C GLU A 25 12.03 20.58 12.03
N GLY A 26 12.00 19.46 11.31
CA GLY A 26 10.96 18.43 11.55
C GLY A 26 11.16 17.69 12.85
N ILE A 27 12.43 17.46 13.22
CA ILE A 27 12.75 16.84 14.52
C ILE A 27 12.22 17.72 15.62
N GLU A 28 12.50 19.02 15.54
CA GLU A 28 11.92 20.04 16.47
C GLU A 28 10.41 20.01 16.47
N GLN A 29 9.81 19.84 15.31
CA GLN A 29 8.35 19.77 15.22
C GLN A 29 7.89 18.52 15.97
N LEU A 30 8.56 17.42 15.71
CA LEU A 30 8.24 16.15 16.38
C LEU A 30 8.33 16.32 17.91
N LEU A 31 9.44 16.91 18.38
CA LEU A 31 9.59 17.19 19.82
C LEU A 31 8.42 17.97 20.41
N TYR A 32 8.00 19.07 19.75
CA TYR A 32 6.74 19.73 20.13
C TYR A 32 5.51 18.84 20.14
N ILE A 33 5.43 17.88 19.21
CA ILE A 33 4.29 16.95 19.22
C ILE A 33 4.29 16.07 20.50
N PHE A 34 5.44 15.52 20.85
CA PHE A 34 5.57 14.66 22.05
C PHE A 34 5.28 15.53 23.27
N GLN A 35 5.88 16.72 23.30
CA GLN A 35 5.66 17.67 24.40
C GLN A 35 4.20 17.99 24.52
N ALA A 36 3.47 18.16 23.42
CA ALA A 36 2.03 18.47 23.52
C ALA A 36 1.06 17.29 23.71
N ALA A 37 1.38 16.15 23.10
CA ALA A 37 0.43 15.06 23.00
C ALA A 37 0.93 13.78 23.63
N GLY A 38 2.19 13.78 24.06
CA GLY A 38 2.83 12.65 24.71
C GLY A 38 2.01 11.94 25.78
N LYS A 39 1.16 12.70 26.49
CA LYS A 39 0.46 12.18 27.67
C LYS A 39 -0.98 12.04 27.39
N ARG A 40 -1.37 12.02 26.12
CA ARG A 40 -2.77 11.69 25.81
C ARG A 40 -3.08 10.35 26.44
N ASP A 41 -4.34 10.14 26.84
CA ASP A 41 -4.77 8.84 27.37
C ASP A 41 -6.22 8.51 27.19
N ASN A 42 -6.58 7.23 27.32
CA ASN A 42 -7.97 6.81 27.17
C ASN A 42 -8.61 7.24 25.86
N ASP A 43 -7.80 7.45 24.85
CA ASP A 43 -8.32 7.68 23.50
C ASP A 43 -9.13 6.46 23.11
N PRO A 44 -10.28 6.70 22.49
CA PRO A 44 -11.21 5.70 21.94
C PRO A 44 -10.57 4.98 20.72
N LEU A 45 -11.09 3.80 20.44
CA LEU A 45 -10.65 3.02 19.31
C LEU A 45 -11.40 3.44 18.07
N PHE A 46 -11.04 4.64 17.60
CA PHE A 46 -11.36 5.13 16.26
C PHE A 46 -10.48 4.37 15.25
N TRP A 47 -11.04 4.11 14.06
CA TRP A 47 -10.28 3.45 13.02
C TRP A 47 -10.96 3.74 11.68
N GLY A 48 -10.30 3.49 10.55
CA GLY A 48 -10.95 3.70 9.25
C GLY A 48 -10.11 3.07 8.18
N ASP A 49 -10.69 2.82 7.00
CA ASP A 49 -9.91 2.27 5.90
C ASP A 49 -9.60 3.34 4.81
N GLU A 50 -8.60 3.09 3.97
CA GLU A 50 -8.35 3.85 2.77
C GLU A 50 -8.45 2.85 1.62
N LEU A 51 -9.34 3.09 0.64
CA LEU A 51 -9.33 2.25 -0.55
C LEU A 51 -8.75 3.08 -1.70
N GLU A 52 -8.02 2.43 -2.58
CA GLU A 52 -7.52 3.04 -3.81
C GLU A 52 -8.16 2.31 -5.00
N TYR A 53 -8.57 3.10 -6.00
CA TYR A 53 -9.37 2.64 -7.13
C TYR A 53 -8.67 2.99 -8.40
N MET A 54 -8.99 2.29 -9.46
CA MET A 54 -8.44 2.66 -10.76
C MET A 54 -9.59 2.84 -11.71
N VAL A 55 -9.64 3.95 -12.43
CA VAL A 55 -10.76 4.17 -13.37
C VAL A 55 -10.36 3.57 -14.73
N VAL A 56 -11.16 2.62 -15.17
CA VAL A 56 -10.84 1.87 -16.35
C VAL A 56 -11.89 2.21 -17.42
N ASP A 57 -11.40 2.51 -18.60
CA ASP A 57 -12.20 2.84 -19.76
C ASP A 57 -12.34 1.59 -20.65
N PHE A 58 -13.52 1.00 -20.69
CA PHE A 58 -13.83 -0.12 -21.61
C PHE A 58 -14.24 0.44 -22.99
N ASP A 59 -13.44 0.12 -24.02
CA ASP A 59 -13.82 0.32 -25.42
C ASP A 59 -14.34 -1.02 -25.90
N ASP A 60 -15.63 -1.24 -25.71
CA ASP A 60 -16.22 -2.50 -25.95
C ASP A 60 -16.13 -2.85 -27.44
N LYS A 61 -16.27 -1.87 -28.33
CA LYS A 61 -16.10 -2.17 -29.76
C LYS A 61 -14.70 -2.61 -30.16
N GLU A 62 -13.67 -2.07 -29.51
CA GLU A 62 -12.31 -2.48 -29.86
C GLU A 62 -11.81 -3.61 -29.00
N ARG A 63 -12.60 -4.06 -28.01
CA ARG A 63 -12.13 -5.04 -27.02
C ARG A 63 -10.79 -4.64 -26.37
N ASN A 64 -10.73 -3.41 -25.84
CA ASN A 64 -9.52 -2.85 -25.16
C ASN A 64 -10.03 -2.14 -23.88
N SER A 65 -9.56 -2.57 -22.72
CA SER A 65 -9.75 -1.83 -21.45
C SER A 65 -8.53 -1.01 -21.21
N MET A 66 -8.70 0.29 -21.11
CA MET A 66 -7.61 1.19 -20.88
C MET A 66 -7.74 1.77 -19.47
N LEU A 67 -6.65 2.30 -18.99
CA LEU A 67 -6.72 3.20 -17.90
C LEU A 67 -7.29 4.57 -18.37
N ASP A 68 -8.16 5.16 -17.56
CA ASP A 68 -8.81 6.40 -17.97
C ASP A 68 -8.08 7.56 -17.30
N VAL A 69 -7.29 8.30 -18.08
CA VAL A 69 -6.53 9.45 -17.57
C VAL A 69 -7.20 10.79 -17.93
N CYS A 70 -8.49 10.74 -18.29
CA CYS A 70 -9.22 11.95 -18.78
C CYS A 70 -10.40 12.43 -17.88
N HIS A 71 -10.68 11.71 -16.82
CA HIS A 71 -11.75 12.13 -15.92
C HIS A 71 -11.26 12.44 -14.51
N ASP A 72 -10.01 12.85 -14.40
CA ASP A 72 -9.44 13.20 -13.11
C ASP A 72 -10.03 14.44 -12.45
N LYS A 73 -10.81 15.27 -13.14
CA LYS A 73 -11.58 16.36 -12.49
C LYS A 73 -12.52 15.79 -11.41
N ILE A 74 -12.86 14.50 -11.49
CA ILE A 74 -13.76 13.91 -10.50
C ILE A 74 -13.32 14.27 -9.09
N LEU A 75 -12.00 14.30 -8.86
CA LEU A 75 -11.45 14.51 -7.52
C LEU A 75 -11.61 15.93 -7.06
N THR A 76 -11.53 16.88 -8.00
CA THR A 76 -11.74 18.29 -7.67
C THR A 76 -13.22 18.53 -7.44
N GLU A 77 -14.06 18.02 -8.30
CA GLU A 77 -15.49 18.24 -8.16
C GLU A 77 -16.10 17.63 -6.87
N LEU A 78 -15.63 16.44 -6.47
CA LEU A 78 -16.10 15.75 -5.25
C LEU A 78 -15.64 16.48 -3.99
N ASN A 79 -14.61 17.31 -4.17
CA ASN A 79 -14.08 18.16 -3.12
C ASN A 79 -14.46 19.67 -3.23
N MET A 80 -15.39 19.97 -4.17
CA MET A 80 -15.85 21.34 -4.36
C MET A 80 -17.37 21.38 -4.34
N GLU A 81 -17.99 21.28 -5.50
CA GLU A 81 -19.38 21.58 -5.58
C GLU A 81 -20.24 20.36 -5.26
N ASP A 82 -19.57 19.18 -5.27
CA ASP A 82 -20.19 17.91 -4.92
C ASP A 82 -19.66 17.37 -3.61
N SER A 83 -18.95 18.18 -2.87
CA SER A 83 -18.51 17.78 -1.61
C SER A 83 -19.72 17.54 -0.64
N SER A 84 -20.78 18.35 -0.81
CA SER A 84 -22.00 18.20 -0.04
C SER A 84 -22.58 16.84 -0.23
N LEU A 85 -22.51 16.29 -1.45
CA LEU A 85 -22.92 14.89 -1.60
C LEU A 85 -22.12 13.98 -0.66
N CYS A 86 -20.79 14.19 -0.61
CA CYS A 86 -19.87 13.30 0.10
C CYS A 86 -20.14 13.35 1.57
N GLU A 87 -20.22 14.57 2.09
CA GLU A 87 -20.37 14.81 3.53
C GLU A 87 -21.68 14.22 4.00
N ALA A 88 -22.75 14.47 3.30
CA ALA A 88 -24.02 13.85 3.58
C ALA A 88 -23.95 12.31 3.66
N ASN A 89 -22.99 11.73 2.92
CA ASN A 89 -22.93 10.31 2.80
C ASN A 89 -21.76 9.67 3.59
N ASP A 90 -21.04 10.50 4.35
CA ASP A 90 -19.97 9.99 5.22
C ASP A 90 -18.79 9.38 4.39
N VAL A 91 -18.49 9.99 3.25
CA VAL A 91 -17.33 9.58 2.47
C VAL A 91 -16.45 10.77 2.18
N SER A 92 -15.20 10.50 1.88
CA SER A 92 -14.26 11.53 1.51
C SER A 92 -13.30 10.96 0.44
N PHE A 93 -12.84 11.80 -0.50
CA PHE A 93 -12.09 11.41 -1.69
C PHE A 93 -10.81 12.23 -1.79
N HIS A 94 -9.67 11.62 -2.13
CA HIS A 94 -8.48 12.43 -2.44
C HIS A 94 -7.60 11.83 -3.52
N PRO A 95 -6.64 12.63 -4.03
CA PRO A 95 -5.73 12.17 -5.09
C PRO A 95 -4.87 11.04 -4.61
N GLU A 96 -4.44 10.25 -5.60
CA GLU A 96 -3.34 9.31 -5.46
C GLU A 96 -2.31 9.53 -6.60
N TYR A 97 -1.15 8.89 -6.49
CA TYR A 97 -0.12 9.03 -7.51
C TYR A 97 -0.68 9.00 -8.95
N GLY A 98 -1.56 8.05 -9.26
CA GLY A 98 -2.05 7.82 -10.66
C GLY A 98 -3.13 8.79 -11.07
N ARG A 99 -3.04 9.32 -12.29
CA ARG A 99 -4.11 10.28 -12.75
C ARG A 99 -5.42 9.57 -12.94
N TYR A 100 -5.33 8.28 -13.20
CA TYR A 100 -6.51 7.37 -13.29
C TYR A 100 -7.01 6.78 -11.92
N MET A 101 -6.37 7.15 -10.82
CA MET A 101 -6.70 6.51 -9.57
C MET A 101 -7.57 7.45 -8.75
N LEU A 102 -8.30 6.85 -7.82
CA LEU A 102 -9.07 7.60 -6.81
C LEU A 102 -8.67 6.99 -5.49
N GLU A 103 -8.65 7.80 -4.44
CA GLU A 103 -8.67 7.20 -3.11
C GLU A 103 -9.90 7.77 -2.39
N ALA A 104 -10.49 6.94 -1.53
CA ALA A 104 -11.64 7.31 -0.74
C ALA A 104 -11.60 6.61 0.65
N THR A 105 -12.10 7.31 1.66
CA THR A 105 -12.16 6.83 3.05
C THR A 105 -13.53 7.23 3.62
N PRO A 106 -13.96 6.65 4.76
CA PRO A 106 -15.15 7.28 5.37
C PRO A 106 -14.77 8.72 5.81
N ALA A 107 -15.76 9.61 5.95
CA ALA A 107 -15.41 11.00 6.28
C ALA A 107 -15.06 11.15 7.77
N SER A 108 -15.64 10.27 8.58
CA SER A 108 -15.32 10.18 10.04
C SER A 108 -14.87 8.76 10.32
N PRO A 109 -13.93 8.58 11.27
CA PRO A 109 -13.50 7.20 11.61
C PRO A 109 -14.64 6.37 12.16
N TYR A 110 -14.60 5.07 11.91
CA TYR A 110 -15.43 4.16 12.64
C TYR A 110 -15.04 4.20 14.12
N LEU A 111 -15.96 3.76 14.99
CA LEU A 111 -15.65 3.70 16.44
C LEU A 111 -16.01 2.32 16.91
N ASN A 112 -14.99 1.56 17.37
CA ASN A 112 -15.24 0.20 17.91
C ASN A 112 -15.84 -0.63 16.79
N TYR A 113 -16.68 -1.59 17.13
CA TYR A 113 -17.18 -2.51 16.13
C TYR A 113 -18.47 -1.94 15.46
N VAL A 114 -18.46 -1.83 14.12
CA VAL A 114 -19.48 -1.06 13.35
C VAL A 114 -20.17 -1.97 12.34
N GLY A 115 -19.88 -3.26 12.45
CA GLY A 115 -20.58 -4.31 11.74
C GLY A 115 -20.39 -4.16 10.26
N SER A 116 -21.53 -4.13 9.55
CA SER A 116 -21.59 -4.08 8.10
C SER A 116 -21.36 -2.68 7.59
N TYR A 117 -21.15 -1.74 8.51
CA TYR A 117 -21.07 -0.39 8.06
C TYR A 117 -19.80 -0.05 7.28
N VAL A 118 -18.70 -0.74 7.51
CA VAL A 118 -17.51 -0.57 6.67
C VAL A 118 -17.93 -0.78 5.21
N GLU A 119 -18.66 -1.87 4.97
CA GLU A 119 -18.99 -2.28 3.64
C GLU A 119 -20.01 -1.35 2.97
N VAL A 120 -21.07 -1.04 3.69
CA VAL A 120 -21.97 0.10 3.38
C VAL A 120 -21.20 1.38 2.97
N ASN A 121 -20.23 1.78 3.77
CA ASN A 121 -19.51 2.99 3.51
C ASN A 121 -18.64 2.87 2.22
N MET A 122 -18.02 1.71 2.01
CA MET A 122 -17.23 1.40 0.82
C MET A 122 -18.11 1.36 -0.44
N GLN A 123 -19.33 0.83 -0.28
CA GLN A 123 -20.28 0.81 -1.37
C GLN A 123 -20.73 2.24 -1.77
N LYS A 124 -20.86 3.12 -0.80
CA LYS A 124 -21.22 4.52 -1.00
C LYS A 124 -20.10 5.27 -1.72
N ARG A 125 -18.86 5.08 -1.27
CA ARG A 125 -17.71 5.65 -2.00
C ARG A 125 -17.80 5.25 -3.46
N ARG A 126 -18.00 3.95 -3.71
CA ARG A 126 -18.05 3.44 -5.07
C ARG A 126 -19.27 3.95 -5.84
N ALA A 127 -20.41 4.08 -5.18
CA ALA A 127 -21.64 4.47 -5.88
C ALA A 127 -21.53 5.95 -6.31
N ILE A 128 -20.87 6.74 -5.47
CA ILE A 128 -20.64 8.15 -5.77
C ILE A 128 -19.62 8.32 -6.93
N ALA A 129 -18.50 7.57 -6.93
CA ALA A 129 -17.67 7.56 -8.13
C ALA A 129 -18.45 7.18 -9.39
N GLU A 130 -19.26 6.14 -9.36
CA GLU A 130 -19.89 5.71 -10.64
C GLU A 130 -20.97 6.71 -11.01
N TYR A 131 -21.54 7.35 -10.00
CA TYR A 131 -22.49 8.40 -10.25
C TYR A 131 -21.82 9.51 -11.08
N LYS A 132 -20.68 10.03 -10.59
CA LYS A 132 -19.94 11.08 -11.26
C LYS A 132 -19.56 10.62 -12.65
N LEU A 133 -19.10 9.40 -12.76
CA LEU A 133 -18.72 8.92 -14.07
C LEU A 133 -19.93 8.85 -15.05
N SER A 134 -21.10 8.51 -14.55
CA SER A 134 -22.25 8.41 -15.46
C SER A 134 -22.63 9.86 -15.90
N GLU A 135 -22.48 10.83 -15.02
CA GLU A 135 -22.70 12.22 -15.36
C GLU A 135 -21.79 12.66 -16.50
N TYR A 136 -20.48 12.41 -16.40
CA TYR A 136 -19.51 12.68 -17.47
C TYR A 136 -19.85 11.96 -18.77
N ALA A 137 -20.41 10.78 -18.65
CA ALA A 137 -20.77 10.04 -19.83
C ALA A 137 -21.94 10.76 -20.51
N ARG A 138 -22.78 11.46 -19.72
CA ARG A 138 -23.90 12.21 -20.33
C ARG A 138 -23.38 13.49 -21.00
N GLN A 139 -22.55 14.23 -20.28
CA GLN A 139 -21.84 15.38 -20.83
C GLN A 139 -21.02 15.01 -22.09
N ASP A 140 -20.11 14.05 -21.96
CA ASP A 140 -19.29 13.63 -23.09
C ASP A 140 -20.16 13.29 -24.26
N SER A 141 -21.26 12.56 -24.04
CA SER A 141 -22.15 12.18 -25.16
C SER A 141 -22.57 13.44 -25.94
N LYS A 142 -23.11 14.41 -25.19
CA LYS A 142 -23.57 15.67 -25.74
C LYS A 142 -22.46 16.47 -26.41
N ASN A 143 -21.25 16.50 -25.83
CA ASN A 143 -20.11 17.17 -26.47
C ASN A 143 -19.42 16.26 -27.46
N ASN A 144 -20.05 15.13 -27.77
CA ASN A 144 -19.46 14.15 -28.65
C ASN A 144 -18.00 13.83 -28.32
N LEU A 145 -17.70 13.48 -27.05
CA LEU A 145 -16.33 13.06 -26.64
C LEU A 145 -16.35 11.63 -26.09
N HIS A 146 -15.17 11.02 -25.96
CA HIS A 146 -15.01 9.61 -25.50
C HIS A 146 -16.16 8.72 -25.96
N VAL A 147 -16.52 8.86 -27.24
CA VAL A 147 -17.52 8.03 -27.93
C VAL A 147 -17.09 6.55 -27.94
N GLY A 148 -18.04 5.66 -27.64
CA GLY A 148 -17.75 4.24 -27.46
C GLY A 148 -17.32 3.78 -26.06
N SER A 149 -16.89 4.73 -25.24
CA SER A 149 -16.23 4.42 -24.00
C SER A 149 -17.11 4.33 -22.77
N ARG A 150 -16.68 3.49 -21.85
CA ARG A 150 -17.47 3.18 -20.70
C ARG A 150 -16.46 3.14 -19.53
N SER A 151 -16.50 4.09 -18.61
CA SER A 151 -15.53 4.15 -17.51
C SER A 151 -16.12 3.58 -16.28
N VAL A 152 -15.34 2.67 -15.66
CA VAL A 152 -15.68 1.96 -14.44
C VAL A 152 -14.56 1.98 -13.41
N PRO A 153 -14.82 2.44 -12.14
CA PRO A 153 -13.83 2.31 -11.04
C PRO A 153 -13.74 0.84 -10.56
N LEU A 154 -12.52 0.26 -10.61
CA LEU A 154 -12.28 -1.12 -10.19
C LEU A 154 -11.22 -1.08 -9.12
N THR A 155 -11.40 -1.83 -8.01
CA THR A 155 -10.37 -1.88 -6.96
C THR A 155 -9.45 -3.02 -7.39
N LEU A 156 -8.67 -2.74 -8.44
CA LEU A 156 -7.57 -3.63 -8.91
C LEU A 156 -6.29 -3.29 -8.16
N THR A 157 -5.46 -4.28 -7.80
CA THR A 157 -4.14 -3.99 -7.24
C THR A 157 -3.17 -3.51 -8.34
N VAL A 158 -3.25 -4.17 -9.49
CA VAL A 158 -2.37 -3.85 -10.58
C VAL A 158 -3.23 -3.80 -11.84
N PHE A 159 -2.92 -2.84 -12.72
CA PHE A 159 -3.45 -2.87 -14.08
C PHE A 159 -2.55 -3.82 -14.92
N PRO A 160 -3.10 -4.97 -15.35
CA PRO A 160 -2.25 -6.02 -15.94
C PRO A 160 -1.47 -5.53 -17.18
N ARG A 161 -2.00 -4.50 -17.84
CA ARG A 161 -1.38 -3.94 -19.06
C ARG A 161 -0.69 -2.58 -18.91
N MET A 162 -0.28 -2.24 -17.69
CA MET A 162 0.42 -0.94 -17.44
C MET A 162 1.57 -0.83 -18.38
N GLY A 163 1.77 0.32 -19.00
CA GLY A 163 2.97 0.54 -19.81
C GLY A 163 3.05 -0.29 -21.09
N CYS A 164 1.94 -0.89 -21.51
CA CYS A 164 1.84 -1.67 -22.76
C CYS A 164 1.07 -0.87 -23.83
N PRO A 165 1.21 -1.28 -25.12
CA PRO A 165 0.57 -0.46 -26.14
C PRO A 165 -0.94 -0.33 -25.97
N ASP A 166 -1.42 0.89 -26.19
CA ASP A 166 -2.84 1.25 -26.09
C ASP A 166 -3.47 1.13 -24.72
N PHE A 167 -2.70 1.40 -23.66
CA PHE A 167 -3.17 1.09 -22.30
C PHE A 167 -3.82 2.28 -21.63
N ILE A 168 -3.62 3.48 -22.19
CA ILE A 168 -4.32 4.69 -21.71
C ILE A 168 -5.14 5.28 -22.83
N ASN A 169 -6.28 5.87 -22.46
CA ASN A 169 -7.18 6.48 -23.44
C ASN A 169 -6.70 7.84 -23.97
N ILE A 170 -5.45 7.95 -24.39
CA ILE A 170 -4.94 9.17 -24.96
C ILE A 170 -4.45 8.68 -26.30
N LYS A 171 -4.97 9.21 -27.40
CA LYS A 171 -4.36 8.88 -28.71
C LYS A 171 -2.93 9.43 -28.79
N ASP A 172 -2.04 8.55 -29.23
CA ASP A 172 -0.70 8.97 -29.57
C ASP A 172 0.05 9.75 -28.45
N PRO A 173 0.19 9.10 -27.27
CA PRO A 173 0.76 9.75 -26.11
C PRO A 173 2.27 9.90 -26.30
N TRP A 174 2.83 9.25 -27.31
CA TRP A 174 4.27 9.32 -27.49
C TRP A 174 4.65 10.45 -28.46
N ASN A 175 3.69 11.28 -28.83
CA ASN A 175 3.97 12.36 -29.75
C ASN A 175 4.60 13.53 -28.99
N HIS A 176 5.03 13.27 -27.77
CA HIS A 176 5.74 14.28 -26.95
C HIS A 176 6.51 13.49 -25.94
N LYS A 177 7.41 14.15 -25.20
CA LYS A 177 8.40 13.43 -24.37
C LYS A 177 7.86 13.53 -22.98
N ASN A 178 8.27 12.59 -22.12
CA ASN A 178 7.72 12.42 -20.73
C ASN A 178 8.87 12.72 -19.80
N ALA A 179 9.13 14.01 -19.63
CA ALA A 179 10.38 14.45 -19.00
C ALA A 179 10.48 14.07 -17.53
N ALA A 180 9.33 13.72 -16.92
CA ALA A 180 9.29 13.48 -15.48
C ALA A 180 9.88 12.11 -15.13
N SER A 181 9.32 11.05 -15.73
CA SER A 181 9.78 9.70 -15.43
C SER A 181 10.85 9.28 -16.40
N ARG A 182 10.74 9.79 -17.63
CA ARG A 182 11.64 9.39 -18.71
C ARG A 182 11.56 7.89 -18.96
N SER A 183 10.43 7.30 -18.55
CA SER A 183 10.21 5.89 -18.76
C SER A 183 10.11 5.55 -20.26
N LEU A 184 10.51 4.34 -20.58
CA LEU A 184 10.23 3.77 -21.89
C LEU A 184 8.76 3.34 -22.10
N PHE A 185 7.96 3.32 -21.03
CA PHE A 185 6.63 2.70 -21.05
C PHE A 185 5.47 3.52 -20.56
N LEU A 186 5.70 4.36 -19.55
CA LEU A 186 4.68 5.23 -19.02
C LEU A 186 4.87 6.67 -19.50
N PRO A 187 3.99 7.14 -20.39
CA PRO A 187 3.86 8.57 -20.56
C PRO A 187 3.53 9.24 -19.22
N ASP A 188 3.90 10.51 -19.04
CA ASP A 188 3.77 11.14 -17.76
C ASP A 188 2.30 11.43 -17.48
N GLU A 189 1.44 11.10 -18.42
CA GLU A 189 -0.02 11.32 -18.23
C GLU A 189 -0.55 10.27 -17.27
N VAL A 190 0.25 9.25 -16.96
CA VAL A 190 -0.19 8.26 -15.99
C VAL A 190 -0.16 8.91 -14.61
N ILE A 191 0.43 10.10 -14.49
CA ILE A 191 0.66 10.76 -13.20
C ILE A 191 -0.39 11.82 -12.91
N ASN A 192 -0.89 11.86 -11.69
CA ASN A 192 -1.87 12.82 -11.25
C ASN A 192 -1.32 14.26 -11.41
N ARG A 193 -2.19 15.19 -11.79
CA ARG A 193 -1.79 16.56 -12.06
C ARG A 193 -1.31 17.37 -10.83
N HIS A 194 -1.66 16.98 -9.61
CA HIS A 194 -1.16 17.71 -8.44
C HIS A 194 0.34 17.65 -8.47
N VAL A 195 0.96 18.82 -8.36
CA VAL A 195 2.41 18.96 -8.61
C VAL A 195 3.34 18.09 -7.76
N ARG A 196 2.92 17.80 -6.53
CA ARG A 196 3.64 16.84 -5.71
C ARG A 196 4.06 15.60 -6.51
N PHE A 197 3.19 15.09 -7.37
CA PHE A 197 3.43 13.74 -7.94
C PHE A 197 4.49 13.71 -9.01
N PRO A 198 4.38 14.59 -10.01
CA PRO A 198 5.58 14.65 -10.92
C PRO A 198 6.89 15.13 -10.22
N ASN A 199 6.76 15.84 -9.11
CA ASN A 199 7.93 16.28 -8.33
C ASN A 199 8.71 15.13 -7.71
N LEU A 200 8.00 14.32 -6.93
CA LEU A 200 8.53 13.06 -6.40
C LEU A 200 9.18 12.20 -7.46
N THR A 201 8.47 12.01 -8.59
CA THR A 201 8.97 11.23 -9.73
C THR A 201 10.34 11.72 -10.21
N ALA A 202 10.42 13.03 -10.48
CA ALA A 202 11.62 13.70 -11.00
C ALA A 202 12.69 13.68 -9.90
N SER A 203 12.34 14.15 -8.69
CA SER A 203 13.27 14.13 -7.54
C SER A 203 13.95 12.80 -7.25
N ILE A 204 13.17 11.72 -7.23
CA ILE A 204 13.75 10.41 -6.92
C ILE A 204 14.68 9.94 -8.02
N ARG A 205 14.30 10.15 -9.30
CA ARG A 205 15.21 9.77 -10.45
C ARG A 205 16.51 10.61 -10.44
N THR A 206 16.39 11.92 -10.35
CA THR A 206 17.63 12.71 -10.29
C THR A 206 18.51 12.25 -9.07
N ARG A 207 17.91 12.14 -7.89
CA ARG A 207 18.75 11.79 -6.74
C ARG A 207 19.49 10.46 -7.00
N ARG A 208 18.76 9.43 -7.39
CA ARG A 208 19.31 8.15 -7.65
C ARG A 208 20.36 8.23 -8.78
N GLY A 209 20.11 9.08 -9.76
CA GLY A 209 20.95 9.20 -10.95
C GLY A 209 20.82 8.03 -11.89
N GLU A 210 19.71 7.28 -11.76
CA GLU A 210 19.36 6.17 -12.66
C GLU A 210 17.84 6.03 -12.55
N LYS A 211 17.16 5.68 -13.62
CA LYS A 211 15.77 5.28 -13.47
C LYS A 211 15.64 4.23 -12.38
N VAL A 212 14.54 4.30 -11.63
CA VAL A 212 14.09 3.17 -10.79
C VAL A 212 14.11 1.92 -11.60
N CYS A 213 14.34 0.80 -10.94
CA CYS A 213 14.46 -0.43 -11.66
C CYS A 213 13.85 -1.58 -10.89
N MET A 214 12.82 -2.20 -11.45
CA MET A 214 12.15 -3.27 -10.76
C MET A 214 12.09 -4.46 -11.70
N ASN A 215 12.93 -5.48 -11.45
CA ASN A 215 12.91 -6.71 -12.24
C ASN A 215 12.08 -7.77 -11.55
N VAL A 216 10.97 -8.19 -12.15
CA VAL A 216 10.14 -9.18 -11.48
C VAL A 216 10.21 -10.50 -12.23
N PRO A 217 10.41 -11.61 -11.51
CA PRO A 217 10.52 -12.84 -12.26
C PRO A 217 9.30 -13.18 -13.13
N MET A 218 9.63 -13.53 -14.35
CA MET A 218 8.65 -13.89 -15.34
C MET A 218 8.18 -15.29 -15.10
N TYR A 219 6.90 -15.53 -15.23
CA TYR A 219 6.40 -16.90 -15.17
C TYR A 219 6.99 -17.64 -16.40
N LYS A 220 7.39 -18.92 -16.26
CA LYS A 220 8.11 -19.57 -17.37
C LYS A 220 7.23 -20.59 -18.04
N ASP A 221 6.54 -20.22 -19.11
CA ASP A 221 5.67 -21.16 -19.79
C ASP A 221 6.43 -21.78 -20.99
N ILE A 222 5.85 -22.82 -21.57
CA ILE A 222 6.53 -23.59 -22.62
C ILE A 222 7.15 -22.64 -23.66
N ALA A 223 6.48 -21.55 -24.03
CA ALA A 223 6.95 -20.65 -25.13
C ALA A 223 7.36 -19.23 -24.74
N THR A 224 7.60 -18.99 -23.43
CA THR A 224 7.91 -17.65 -22.93
C THR A 224 9.26 -17.15 -23.47
N PRO A 225 9.32 -15.95 -24.05
CA PRO A 225 10.62 -15.37 -24.38
C PRO A 225 11.67 -15.42 -23.24
N GLU A 226 12.95 -15.51 -23.61
CA GLU A 226 14.07 -15.64 -22.67
C GLU A 226 14.39 -14.28 -22.12
N THR A 227 14.06 -13.25 -22.90
CA THR A 227 14.11 -11.88 -22.37
C THR A 227 12.73 -11.20 -22.44
N ASP A 228 12.57 -10.13 -21.66
CA ASP A 228 11.49 -9.15 -21.78
C ASP A 228 11.57 -8.44 -23.12
N ASP A 229 10.92 -9.01 -24.12
CA ASP A 229 11.06 -8.50 -25.48
C ASP A 229 10.32 -7.18 -25.72
N SER A 230 9.73 -6.60 -24.67
CA SER A 230 9.17 -5.27 -24.84
C SER A 230 10.25 -4.16 -24.74
N ILE A 231 11.45 -4.46 -24.23
CA ILE A 231 12.47 -3.43 -24.11
C ILE A 231 12.88 -2.90 -25.48
N TYR A 232 13.21 -1.61 -25.60
CA TYR A 232 13.61 -1.10 -26.88
C TYR A 232 14.62 -0.01 -26.65
N ASP A 233 15.38 0.30 -27.68
CA ASP A 233 16.32 1.38 -27.57
C ASP A 233 15.57 2.65 -27.93
N ARG A 234 15.99 3.78 -27.36
CA ARG A 234 15.35 5.04 -27.68
C ARG A 234 16.39 6.11 -27.51
N ASP A 235 16.14 7.29 -28.06
CA ASP A 235 17.11 8.36 -27.94
C ASP A 235 16.61 9.70 -27.43
N TRP A 236 15.61 9.70 -26.56
CA TRP A 236 15.11 10.97 -26.09
C TRP A 236 15.98 11.51 -25.00
N PHE A 237 16.46 10.63 -24.12
CA PHE A 237 16.98 11.04 -22.81
C PHE A 237 18.28 10.36 -22.49
N LEU A 238 19.26 11.14 -22.07
CA LEU A 238 20.50 10.56 -21.56
C LEU A 238 20.66 10.95 -20.10
N PRO A 239 21.06 10.01 -19.24
CA PRO A 239 21.46 8.62 -19.50
C PRO A 239 20.34 7.60 -19.67
N GLU A 240 19.10 7.99 -19.33
CA GLU A 240 18.02 7.03 -19.03
C GLU A 240 17.69 6.05 -20.16
N ASP A 241 17.72 6.53 -21.42
CA ASP A 241 17.32 5.69 -22.55
C ASP A 241 18.35 4.59 -22.86
N LYS A 242 19.50 4.66 -22.20
CA LYS A 242 20.54 3.64 -22.42
C LYS A 242 20.66 2.66 -21.26
N GLU A 243 19.87 2.90 -20.20
CA GLU A 243 19.92 2.08 -18.97
C GLU A 243 19.39 0.66 -19.07
N ALA A 244 18.33 0.48 -19.85
CA ALA A 244 17.54 -0.74 -19.84
C ALA A 244 18.34 -1.99 -20.21
N LYS A 245 19.22 -1.84 -21.19
CA LYS A 245 20.08 -2.93 -21.69
C LYS A 245 20.93 -3.43 -20.54
N LEU A 246 21.37 -2.50 -19.71
CA LEU A 246 22.17 -2.82 -18.53
C LEU A 246 21.38 -3.27 -17.29
N ALA A 247 20.15 -2.78 -17.15
CA ALA A 247 19.44 -2.90 -15.88
C ALA A 247 18.53 -4.13 -15.86
N SER A 248 17.93 -4.45 -17.01
CA SER A 248 17.12 -5.63 -17.16
C SER A 248 17.91 -6.94 -17.04
N LYS A 249 17.21 -8.05 -16.93
CA LYS A 249 17.84 -9.34 -16.81
C LYS A 249 17.01 -10.33 -17.55
N PRO A 250 17.65 -11.29 -18.23
CA PRO A 250 16.85 -12.36 -18.90
C PRO A 250 15.95 -13.12 -17.91
N GLY A 251 14.72 -13.44 -18.32
CA GLY A 251 13.75 -14.11 -17.45
C GLY A 251 13.07 -13.16 -16.44
N PHE A 252 13.31 -11.87 -16.59
CA PHE A 252 12.69 -10.86 -15.68
C PHE A 252 11.96 -9.78 -16.48
N ILE A 253 10.72 -9.55 -16.06
CA ILE A 253 10.01 -8.30 -16.43
C ILE A 253 10.74 -7.00 -16.03
N TYR A 254 10.99 -6.10 -16.96
CA TYR A 254 11.71 -4.88 -16.63
C TYR A 254 10.73 -3.70 -16.44
N MET A 255 10.80 -2.99 -15.30
CA MET A 255 9.93 -1.86 -15.10
C MET A 255 10.82 -0.72 -14.73
N ASP A 256 10.50 0.47 -15.17
CA ASP A 256 11.47 1.49 -15.05
C ASP A 256 10.90 2.83 -14.63
N SER A 257 9.77 2.82 -13.92
CA SER A 257 9.09 4.11 -13.68
C SER A 257 8.26 4.00 -12.41
N MET A 258 8.10 5.13 -11.70
CA MET A 258 7.41 5.12 -10.40
C MET A 258 5.95 4.59 -10.45
N GLY A 259 5.27 4.86 -11.57
CA GLY A 259 3.86 4.54 -11.79
C GLY A 259 3.62 3.07 -11.88
N PHE A 260 4.66 2.30 -12.20
CA PHE A 260 4.50 0.82 -12.11
C PHE A 260 4.24 0.33 -10.67
N GLY A 261 4.68 1.12 -9.68
CA GLY A 261 4.48 0.77 -8.29
C GLY A 261 3.46 1.64 -7.63
N MET A 262 3.73 2.93 -7.61
CA MET A 262 2.76 3.86 -7.02
C MET A 262 1.54 4.00 -7.91
N GLY A 263 1.59 3.42 -9.10
CA GLY A 263 0.39 3.28 -9.96
C GLY A 263 -0.34 1.98 -9.64
N CYS A 264 0.08 1.29 -8.59
CA CYS A 264 -0.66 0.12 -8.03
C CYS A 264 -1.47 0.50 -6.80
N SER A 265 -2.47 -0.32 -6.45
CA SER A 265 -3.44 -0.03 -5.34
C SER A 265 -3.48 -1.03 -4.18
N CYS A 266 -3.89 -0.53 -3.02
CA CYS A 266 -3.92 -1.35 -1.85
C CYS A 266 -5.10 -1.04 -0.96
N LEU A 267 -5.38 -1.95 -0.05
CA LEU A 267 -6.24 -1.63 1.07
C LEU A 267 -5.36 -1.25 2.32
N GLN A 268 -5.71 -0.17 3.02
CA GLN A 268 -5.01 0.19 4.26
C GLN A 268 -6.04 0.38 5.38
N VAL A 269 -5.66 0.06 6.62
CA VAL A 269 -6.51 0.30 7.80
C VAL A 269 -5.67 0.91 8.93
N THR A 270 -6.22 1.94 9.57
CA THR A 270 -5.54 2.77 10.59
C THR A 270 -6.35 2.76 11.91
N PHE A 271 -5.66 2.59 13.06
CA PHE A 271 -6.31 2.36 14.36
C PHE A 271 -5.73 3.27 15.40
N GLN A 272 -6.59 3.78 16.27
CA GLN A 272 -6.12 4.63 17.33
C GLN A 272 -6.05 3.84 18.60
N ALA A 273 -4.89 3.83 19.24
CA ALA A 273 -4.69 3.22 20.54
C ALA A 273 -4.96 4.23 21.68
N PRO A 274 -5.13 3.73 22.92
CA PRO A 274 -5.44 4.56 24.06
C PRO A 274 -4.43 5.60 24.39
N ASN A 275 -3.15 5.40 24.04
CA ASN A 275 -2.05 6.29 24.37
C ASN A 275 -0.85 5.83 23.58
N ILE A 276 0.25 6.60 23.62
CA ILE A 276 1.47 6.23 22.87
C ILE A 276 2.04 4.87 23.20
N ASN A 277 1.93 4.45 24.47
CA ASN A 277 2.54 3.21 24.93
C ASN A 277 1.85 1.99 24.34
N LYS A 278 0.52 2.05 24.29
CA LYS A 278 -0.30 1.03 23.68
C LYS A 278 -0.14 1.08 22.14
N ALA A 279 0.14 2.26 21.63
CA ALA A 279 0.37 2.40 20.23
C ALA A 279 1.69 1.66 19.84
N ARG A 280 2.74 1.84 20.67
CA ARG A 280 3.97 1.08 20.47
C ARG A 280 3.78 -0.43 20.59
N TYR A 281 2.98 -0.80 21.56
CA TYR A 281 2.75 -2.20 21.82
C TYR A 281 2.03 -2.84 20.61
N LEU A 282 0.98 -2.16 20.15
CA LEU A 282 0.17 -2.59 19.01
C LEU A 282 0.96 -2.69 17.72
N TYR A 283 1.78 -1.68 17.47
CA TYR A 283 2.60 -1.62 16.31
C TYR A 283 3.54 -2.79 16.26
N ASP A 284 4.27 -3.01 17.36
CA ASP A 284 5.24 -4.08 17.47
C ASP A 284 4.51 -5.42 17.19
N ALA A 285 3.35 -5.61 17.81
CA ALA A 285 2.57 -6.85 17.69
C ALA A 285 2.04 -7.14 16.28
N LEU A 286 1.96 -6.10 15.43
CA LEU A 286 1.35 -6.27 14.10
C LEU A 286 2.45 -6.52 13.07
N VAL A 287 3.70 -6.42 13.49
CA VAL A 287 4.86 -6.49 12.60
C VAL A 287 4.87 -7.77 11.75
N ASN A 288 4.57 -8.93 12.34
CA ASN A 288 4.67 -10.21 11.56
C ASN A 288 3.32 -10.59 10.94
N PHE A 289 2.24 -9.95 11.38
CA PHE A 289 1.00 -9.98 10.57
C PHE A 289 1.15 -9.38 9.16
N ALA A 290 2.09 -8.45 8.98
CA ALA A 290 2.19 -7.77 7.74
C ALA A 290 2.61 -8.78 6.60
N PRO A 291 3.77 -9.51 6.70
CA PRO A 291 4.10 -10.44 5.57
C PRO A 291 3.04 -11.50 5.41
N ILE A 292 2.40 -11.91 6.50
CA ILE A 292 1.37 -12.97 6.44
C ILE A 292 0.13 -12.49 5.60
N MET A 293 -0.29 -11.27 5.89
CA MET A 293 -1.44 -10.67 5.24
C MET A 293 -1.12 -10.30 3.83
N LEU A 294 0.12 -9.95 3.54
CA LEU A 294 0.49 -9.72 2.13
C LEU A 294 0.29 -11.03 1.30
N ALA A 295 0.94 -12.10 1.77
CA ALA A 295 0.78 -13.43 1.17
C ALA A 295 -0.71 -13.80 1.06
N PHE A 296 -1.43 -13.64 2.14
CA PHE A 296 -2.86 -14.03 2.23
C PHE A 296 -3.74 -13.24 1.24
N SER A 297 -3.48 -11.94 1.11
CA SER A 297 -4.31 -11.08 0.23
C SER A 297 -3.89 -11.03 -1.25
N ALA A 298 -2.86 -11.79 -1.66
CA ALA A 298 -2.24 -11.60 -2.98
C ALA A 298 -3.29 -11.28 -4.08
N ALA A 299 -3.06 -10.19 -4.82
CA ALA A 299 -4.02 -9.76 -5.90
C ALA A 299 -3.30 -9.29 -7.15
N ALA A 300 -1.96 -9.48 -7.21
CA ALA A 300 -1.08 -8.93 -8.30
C ALA A 300 -0.20 -10.00 -9.05
N PRO A 301 -0.77 -10.88 -9.88
CA PRO A 301 0.09 -11.89 -10.50
C PRO A 301 0.68 -11.60 -11.88
N ALA A 302 0.55 -10.36 -12.34
CA ALA A 302 0.92 -9.90 -13.69
C ALA A 302 1.42 -8.47 -13.60
N PHE A 303 2.49 -8.11 -14.33
CA PHE A 303 2.96 -6.73 -14.50
C PHE A 303 3.30 -6.46 -15.97
N LYS A 304 2.98 -5.25 -16.43
CA LYS A 304 3.41 -4.75 -17.71
C LYS A 304 3.22 -5.82 -18.79
N GLY A 305 2.07 -6.47 -18.78
CA GLY A 305 1.69 -7.28 -19.89
C GLY A 305 2.17 -8.70 -19.80
N TRP A 306 2.72 -9.07 -18.63
CA TRP A 306 3.34 -10.40 -18.44
C TRP A 306 2.81 -11.04 -17.20
N LEU A 307 2.56 -12.35 -17.26
CA LEU A 307 2.36 -13.19 -16.08
C LEU A 307 3.70 -13.30 -15.31
N ALA A 308 3.65 -13.07 -13.99
CA ALA A 308 4.84 -13.06 -13.15
C ALA A 308 4.98 -14.30 -12.32
N ASP A 309 6.21 -14.56 -11.89
CA ASP A 309 6.43 -15.63 -10.96
C ASP A 309 6.37 -15.15 -9.53
N GLN A 310 5.34 -14.37 -9.24
CA GLN A 310 5.04 -13.84 -7.91
C GLN A 310 3.61 -13.37 -7.95
N ASP A 311 3.08 -13.04 -6.77
CA ASP A 311 1.63 -12.89 -6.62
C ASP A 311 1.15 -11.58 -5.92
N VAL A 312 2.09 -10.75 -5.48
CA VAL A 312 1.82 -9.51 -4.77
C VAL A 312 2.62 -8.32 -5.36
N ARG A 313 2.27 -7.09 -4.96
CA ARG A 313 2.78 -5.88 -5.59
C ARG A 313 4.00 -5.36 -4.89
N TRP A 314 4.21 -5.81 -3.63
CA TRP A 314 5.09 -5.10 -2.70
C TRP A 314 6.48 -4.71 -3.26
N ASN A 315 7.20 -5.71 -3.80
CA ASN A 315 8.58 -5.50 -4.20
C ASN A 315 8.59 -4.50 -5.37
N VAL A 316 7.56 -4.54 -6.22
CA VAL A 316 7.42 -3.54 -7.29
C VAL A 316 7.28 -2.12 -6.75
N ILE A 317 6.50 -1.94 -5.69
CA ILE A 317 6.41 -0.60 -5.15
C ILE A 317 7.67 -0.23 -4.44
N SER A 318 8.29 -1.23 -3.78
CA SER A 318 9.57 -1.02 -3.16
C SER A 318 10.59 -0.42 -4.11
N GLY A 319 10.78 -1.00 -5.28
CA GLY A 319 11.73 -0.43 -6.27
C GLY A 319 11.31 0.91 -6.89
N ALA A 320 9.99 1.12 -7.04
CA ALA A 320 9.44 2.28 -7.77
C ALA A 320 9.81 3.62 -7.17
N VAL A 321 10.01 3.65 -5.84
CA VAL A 321 10.37 4.88 -5.13
C VAL A 321 11.71 4.70 -4.44
N ASP A 322 12.51 3.77 -4.97
CA ASP A 322 13.80 3.48 -4.35
C ASP A 322 14.85 4.51 -4.80
N ASP A 323 14.97 5.59 -4.04
CA ASP A 323 15.90 6.69 -4.35
C ASP A 323 17.40 6.42 -4.04
N ARG A 324 17.76 5.18 -3.76
CA ARG A 324 19.13 4.88 -3.38
C ARG A 324 20.09 5.01 -4.53
N THR A 325 21.12 5.85 -4.35
CA THR A 325 22.23 5.92 -5.34
C THR A 325 22.92 4.57 -5.41
N PRO A 326 23.66 4.27 -6.48
CA PRO A 326 24.43 2.98 -6.47
C PRO A 326 25.41 2.87 -5.26
N LYS A 327 26.06 3.96 -4.89
CA LYS A 327 26.80 4.00 -3.62
C LYS A 327 26.00 3.49 -2.40
N GLU A 328 24.78 4.00 -2.17
CA GLU A 328 23.95 3.53 -1.05
C GLU A 328 23.60 2.05 -1.22
N ARG A 329 23.51 1.61 -2.47
CA ARG A 329 23.20 0.21 -2.72
C ARG A 329 24.47 -0.65 -2.77
N GLY A 330 25.65 -0.04 -2.61
CA GLY A 330 26.92 -0.80 -2.65
C GLY A 330 27.10 -1.52 -3.98
N VAL A 331 26.74 -0.84 -5.08
CA VAL A 331 26.95 -1.36 -6.43
C VAL A 331 27.46 -0.24 -7.35
N ALA A 332 27.99 -0.63 -8.49
CA ALA A 332 28.52 0.30 -9.49
C ALA A 332 27.38 1.04 -10.19
N PRO A 333 27.58 2.33 -10.57
CA PRO A 333 26.62 2.98 -11.43
C PRO A 333 26.54 2.21 -12.73
N LEU A 334 25.37 2.07 -13.30
CA LEU A 334 25.28 1.33 -14.55
C LEU A 334 26.04 2.11 -15.63
N LEU A 335 25.91 3.43 -15.63
CA LEU A 335 26.63 4.30 -16.56
C LEU A 335 27.46 5.34 -15.81
N PRO A 336 28.69 4.93 -15.40
CA PRO A 336 29.64 5.69 -14.58
C PRO A 336 29.98 7.06 -15.11
N LYS A 337 29.78 7.28 -16.40
CA LYS A 337 30.05 8.58 -17.01
C LYS A 337 28.98 9.62 -16.69
N TYR A 338 27.77 9.14 -16.44
CA TYR A 338 26.72 10.06 -16.01
C TYR A 338 26.54 10.02 -14.50
N ASN A 339 26.55 8.82 -13.95
CA ASN A 339 26.36 8.67 -12.51
C ASN A 339 27.70 8.73 -11.78
N LYS A 340 28.18 9.97 -11.57
CA LYS A 340 29.55 10.25 -11.11
C LYS A 340 29.88 9.65 -9.75
N ASN A 341 30.75 8.64 -9.78
CA ASN A 341 31.17 7.88 -8.60
C ASN A 341 30.09 7.05 -7.88
N GLY A 342 28.97 6.82 -8.57
CA GLY A 342 27.84 6.13 -7.95
C GLY A 342 27.09 6.97 -6.93
N PHE A 343 27.31 8.29 -6.91
CA PHE A 343 26.65 9.19 -5.97
C PHE A 343 25.34 9.83 -6.48
N GLY A 344 24.99 9.60 -7.74
CA GLY A 344 23.85 10.26 -8.35
C GLY A 344 23.74 11.76 -8.09
N GLY A 345 22.57 12.19 -7.64
CA GLY A 345 22.33 13.59 -7.44
C GLY A 345 22.73 14.04 -6.06
N ILE A 346 23.50 13.25 -5.34
CA ILE A 346 23.82 13.70 -3.98
C ILE A 346 24.87 14.83 -4.06
N ALA A 347 24.66 15.96 -3.38
CA ALA A 347 25.63 17.06 -3.39
C ALA A 347 27.01 16.59 -2.94
N LYS A 348 28.07 17.06 -3.62
CA LYS A 348 29.43 16.65 -3.24
C LYS A 348 29.79 17.03 -1.79
N ASP A 349 29.33 18.18 -1.35
CA ASP A 349 29.70 18.61 -0.03
C ASP A 349 28.96 17.85 1.06
N VAL A 350 28.25 16.77 0.70
CA VAL A 350 27.70 15.83 1.67
C VAL A 350 27.88 14.37 1.25
N GLN A 351 28.74 14.12 0.28
CA GLN A 351 28.96 12.73 -0.13
C GLN A 351 29.75 11.94 0.90
N ASP A 352 30.51 12.68 1.72
CA ASP A 352 31.29 12.08 2.80
C ASP A 352 30.40 11.44 3.86
N LYS A 353 29.13 11.88 3.95
CA LYS A 353 28.20 11.38 4.98
C LYS A 353 27.21 10.29 4.53
N VAL A 354 27.42 9.81 3.30
CA VAL A 354 26.50 8.86 2.66
C VAL A 354 26.67 7.45 3.26
N LEU A 355 25.57 6.79 3.58
CA LEU A 355 25.64 5.49 4.21
C LEU A 355 25.29 4.40 3.21
N GLU A 356 25.75 3.19 3.43
CA GLU A 356 25.18 2.06 2.70
C GLU A 356 23.91 1.74 3.46
N ILE A 357 22.79 1.65 2.72
CA ILE A 357 21.44 1.45 3.28
C ILE A 357 20.90 0.21 2.64
N PRO A 358 20.45 -0.75 3.45
CA PRO A 358 20.05 -2.04 2.85
C PRO A 358 18.65 -2.11 2.21
N LYS A 359 17.76 -1.17 2.54
CA LYS A 359 16.37 -1.29 2.10
C LYS A 359 15.91 0.02 1.54
N SER A 360 15.01 -0.09 0.58
CA SER A 360 14.39 1.05 -0.07
C SER A 360 13.57 1.88 0.93
N ARG A 361 13.38 3.17 0.66
CA ARG A 361 12.56 3.96 1.64
C ARG A 361 11.11 3.46 1.70
N TYR A 362 10.74 2.63 0.72
CA TYR A 362 9.46 1.94 0.78
C TYR A 362 9.85 0.51 1.05
N SER A 363 9.69 0.04 2.28
CA SER A 363 10.09 -1.34 2.63
C SER A 363 9.51 -1.74 3.94
N SER A 364 9.52 -3.03 4.28
CA SER A 364 9.06 -3.48 5.61
C SER A 364 9.61 -2.74 6.86
N VAL A 365 8.83 -2.71 7.92
CA VAL A 365 9.26 -2.07 9.20
C VAL A 365 10.67 -2.49 9.55
N ASP A 366 11.52 -1.55 9.91
CA ASP A 366 12.90 -1.94 10.33
C ASP A 366 13.15 -2.30 11.82
N LEU A 367 12.40 -1.68 12.69
CA LEU A 367 12.68 -1.70 14.11
C LEU A 367 11.41 -1.88 14.89
N PHE A 368 11.40 -2.78 15.87
CA PHE A 368 10.42 -2.69 16.91
C PHE A 368 10.69 -1.45 17.69
N LEU A 369 9.60 -0.82 18.11
CA LEU A 369 9.66 0.38 18.93
C LEU A 369 9.95 0.05 20.39
N GLY A 370 9.53 -1.13 20.86
CA GLY A 370 9.77 -1.52 22.23
C GLY A 370 8.93 -0.71 23.14
N GLY A 371 9.32 -0.75 24.40
CA GLY A 371 8.71 0.12 25.37
C GLY A 371 7.68 -0.66 26.11
N SER A 372 7.44 -1.93 25.77
CA SER A 372 6.47 -2.75 26.52
C SER A 372 7.19 -3.92 27.22
N LYS A 373 6.50 -4.67 28.05
CA LYS A 373 7.19 -5.64 28.90
C LYS A 373 7.84 -6.83 28.20
N PHE A 374 7.32 -7.26 27.05
CA PHE A 374 7.89 -8.42 26.40
C PHE A 374 9.05 -8.04 25.50
N PHE A 375 9.29 -6.75 25.34
CA PHE A 375 10.24 -6.31 24.36
C PHE A 375 11.63 -6.55 24.90
N ASN A 376 12.55 -6.88 24.01
CA ASN A 376 13.95 -6.96 24.29
C ASN A 376 14.66 -6.50 23.02
N ARG A 377 15.66 -5.63 23.17
CA ARG A 377 16.32 -4.94 22.07
C ARG A 377 17.04 -5.95 21.14
N THR A 378 17.34 -7.14 21.64
CA THR A 378 17.94 -8.18 20.81
C THR A 378 17.00 -8.74 19.71
N TYR A 379 15.71 -8.47 19.79
CA TYR A 379 14.79 -8.79 18.68
C TYR A 379 14.98 -7.91 17.46
N ASN A 380 15.49 -6.70 17.66
CA ASN A 380 15.99 -5.86 16.60
C ASN A 380 17.39 -6.37 16.24
N ASP A 381 17.42 -7.39 15.41
CA ASP A 381 18.67 -8.07 15.10
C ASP A 381 19.10 -7.89 13.64
N THR A 382 18.72 -6.80 12.97
CA THR A 382 19.01 -6.75 11.54
C THR A 382 19.80 -5.50 11.28
N ASN A 383 20.26 -5.37 10.03
CA ASN A 383 20.96 -4.14 9.63
C ASN A 383 20.05 -2.92 9.43
N VAL A 384 20.12 -1.99 10.35
CA VAL A 384 19.30 -0.80 10.30
C VAL A 384 20.15 0.49 10.56
N PRO A 385 20.68 1.08 9.50
CA PRO A 385 21.42 2.33 9.67
C PRO A 385 20.59 3.44 10.30
N ILE A 386 21.26 4.31 11.02
CA ILE A 386 20.58 5.44 11.65
C ILE A 386 21.34 6.77 11.45
N ASN A 387 20.59 7.86 11.53
CA ASN A 387 21.10 9.20 11.55
C ASN A 387 21.46 9.46 13.02
N GLU A 388 22.75 9.44 13.32
CA GLU A 388 23.22 9.57 14.71
C GLU A 388 22.93 10.93 15.34
N LYS A 389 22.99 11.96 14.51
CA LYS A 389 22.67 13.32 14.94
C LYS A 389 21.23 13.41 15.45
N VAL A 390 20.31 12.78 14.71
CA VAL A 390 18.90 12.75 15.07
C VAL A 390 18.68 11.97 16.38
N LEU A 391 19.32 10.80 16.46
CA LEU A 391 19.27 10.00 17.70
C LEU A 391 19.71 10.82 18.92
N GLY A 392 20.91 11.44 18.77
CA GLY A 392 21.50 12.30 19.81
C GLY A 392 20.49 13.32 20.28
N ARG A 393 19.87 14.03 19.32
CA ARG A 393 18.95 15.10 19.67
C ARG A 393 17.63 14.63 20.26
N LEU A 394 17.18 13.46 19.85
CA LEU A 394 15.93 12.94 20.40
C LEU A 394 16.21 12.46 21.80
N LEU A 395 17.46 12.12 22.09
CA LEU A 395 17.84 11.60 23.42
C LEU A 395 18.04 12.74 24.40
N GLU A 396 18.64 13.85 23.92
CA GLU A 396 18.99 14.98 24.75
C GLU A 396 18.45 16.28 24.18
N ASN A 397 17.41 16.78 24.83
CA ASN A 397 16.76 18.01 24.47
C ASN A 397 15.82 18.34 25.60
N ASP A 398 15.29 19.54 25.56
CA ASP A 398 14.58 20.11 26.68
C ASP A 398 13.08 20.06 26.44
N LYS A 399 12.68 19.63 25.26
CA LYS A 399 11.26 19.52 25.01
C LYS A 399 10.70 18.13 25.42
N ALA A 400 11.35 17.06 24.99
CA ALA A 400 10.79 15.70 25.21
C ALA A 400 11.91 14.73 24.98
N PRO A 401 12.71 14.46 26.02
CA PRO A 401 13.75 13.43 25.79
C PRO A 401 13.12 12.05 25.64
N LEU A 402 13.60 11.25 24.68
CA LEU A 402 12.87 10.02 24.31
C LEU A 402 13.66 8.83 24.80
N ASP A 403 13.01 7.69 25.07
CA ASP A 403 13.81 6.46 25.33
C ASP A 403 14.61 6.05 24.09
N TYR A 404 15.59 5.20 24.26
CA TYR A 404 16.52 4.90 23.18
C TYR A 404 15.86 4.13 22.02
N ASP A 405 14.89 3.29 22.33
CA ASP A 405 14.33 2.48 21.28
C ASP A 405 13.46 3.35 20.37
N LEU A 406 12.67 4.27 20.97
CA LEU A 406 11.85 5.20 20.19
C LEU A 406 12.71 6.15 19.38
N ALA A 407 13.75 6.71 20.01
CA ALA A 407 14.71 7.55 19.31
C ALA A 407 15.33 6.85 18.10
N LYS A 408 15.72 5.58 18.24
CA LYS A 408 16.35 4.82 17.14
C LYS A 408 15.33 4.63 15.95
N HIS A 409 14.05 4.45 16.24
CA HIS A 409 13.01 4.39 15.19
C HIS A 409 13.04 5.65 14.31
N PHE A 410 12.96 6.80 14.98
CA PHE A 410 12.95 8.06 14.28
C PHE A 410 14.24 8.29 13.58
N ALA A 411 15.37 8.01 14.23
CA ALA A 411 16.69 8.18 13.61
C ALA A 411 16.86 7.32 12.35
N HIS A 412 16.22 6.15 12.29
CA HIS A 412 16.34 5.35 11.05
C HIS A 412 15.58 6.00 9.91
N LEU A 413 14.41 6.54 10.24
CA LEU A 413 13.55 7.22 9.30
C LEU A 413 14.25 8.40 8.69
N TYR A 414 15.06 9.07 9.52
CA TYR A 414 15.83 10.25 9.12
C TYR A 414 17.14 9.96 8.43
N ILE A 415 17.39 8.74 8.00
CA ILE A 415 18.53 8.59 7.08
C ILE A 415 18.22 9.01 5.61
N ARG A 416 16.94 9.32 5.36
CA ARG A 416 16.48 9.70 4.02
C ARG A 416 16.48 11.21 3.81
N ASP A 417 16.71 11.62 2.56
CA ASP A 417 16.43 13.00 2.13
C ASP A 417 14.96 13.26 1.77
N PRO A 418 14.51 14.50 1.97
CA PRO A 418 13.20 14.93 1.53
C PRO A 418 13.21 14.93 -0.01
N VAL A 419 12.13 14.42 -0.62
CA VAL A 419 12.08 14.29 -2.08
C VAL A 419 10.93 15.08 -2.70
N SER A 420 10.20 15.78 -1.88
CA SER A 420 9.18 16.64 -2.37
C SER A 420 9.06 17.78 -1.38
N THR A 421 9.46 18.96 -1.82
CA THR A 421 9.60 20.14 -0.96
C THR A 421 9.12 21.40 -1.68
N PHE A 422 8.13 22.09 -1.10
CA PHE A 422 7.62 23.35 -1.64
C PHE A 422 8.32 24.55 -1.05
N GLU A 423 8.71 25.44 -1.96
CA GLU A 423 9.27 26.75 -1.67
C GLU A 423 8.58 27.54 -0.52
N GLU A 424 7.25 27.64 -0.61
CA GLU A 424 6.39 28.29 0.38
C GLU A 424 6.72 27.85 1.79
N LEU A 425 6.92 26.54 1.94
CA LEU A 425 6.92 25.87 3.24
C LEU A 425 8.27 25.76 3.94
N LEU A 426 9.28 26.41 3.38
CA LEU A 426 10.65 26.23 3.85
C LEU A 426 10.88 26.63 5.31
N ASN A 427 10.17 27.65 5.78
CA ASN A 427 10.23 27.97 7.22
C ASN A 427 8.88 27.90 7.83
N GLN A 428 8.74 27.13 8.90
CA GLN A 428 7.45 27.02 9.55
C GLN A 428 7.52 27.49 10.99
N ASP A 429 6.35 27.55 11.59
CA ASP A 429 6.26 27.66 13.01
C ASP A 429 6.24 26.20 13.51
N ASN A 430 7.37 25.73 14.02
CA ASN A 430 7.49 24.35 14.51
C ASN A 430 6.56 23.98 15.68
N LYS A 431 6.01 25.00 16.36
CA LYS A 431 5.10 24.79 17.48
C LYS A 431 3.75 24.31 16.99
N THR A 432 3.35 24.73 15.80
CA THR A 432 1.97 24.51 15.35
C THR A 432 1.95 23.66 14.10
N SER A 433 3.04 23.70 13.33
CA SER A 433 3.20 22.92 12.12
C SER A 433 3.96 21.57 12.29
N SER A 434 3.46 20.51 11.64
CA SER A 434 4.25 19.27 11.45
C SER A 434 4.60 18.98 9.99
N ASN A 435 4.53 19.99 9.14
CA ASN A 435 4.75 19.76 7.73
C ASN A 435 6.10 19.21 7.43
N HIS A 436 7.14 19.76 8.05
CA HIS A 436 8.52 19.25 7.80
C HIS A 436 8.73 17.83 8.27
N PHE A 437 8.18 17.51 9.43
CA PHE A 437 8.33 16.18 9.94
C PHE A 437 7.59 15.21 9.00
N GLU A 438 6.35 15.57 8.65
CA GLU A 438 5.52 14.88 7.66
C GLU A 438 6.25 14.60 6.36
N ASN A 439 7.12 15.51 5.96
CA ASN A 439 7.90 15.36 4.74
C ASN A 439 8.64 14.01 4.72
N ILE A 440 9.37 13.78 5.81
CA ILE A 440 10.13 12.52 5.99
C ILE A 440 9.20 11.38 6.42
N GLN A 441 8.32 11.64 7.39
CA GLN A 441 7.43 10.60 7.89
C GLN A 441 6.64 9.98 6.70
N SER A 442 5.99 10.81 5.89
CA SER A 442 5.14 10.33 4.82
C SER A 442 5.87 9.67 3.66
N THR A 443 7.21 9.78 3.60
CA THR A 443 8.01 9.23 2.49
C THR A 443 9.00 8.17 2.97
N ASN A 444 8.71 7.63 4.14
CA ASN A 444 9.19 6.37 4.58
C ASN A 444 7.91 5.56 4.58
N TRP A 445 7.78 4.69 3.59
CA TRP A 445 6.56 3.89 3.35
C TRP A 445 6.79 2.42 3.72
N GLN A 446 6.18 1.95 4.79
CA GLN A 446 6.50 0.65 5.34
C GLN A 446 5.24 -0.12 5.60
N THR A 447 5.42 -1.33 6.08
CA THR A 447 4.29 -2.26 6.25
C THR A 447 3.32 -1.80 7.34
N LEU A 448 3.79 -0.94 8.23
CA LEU A 448 2.96 -0.32 9.29
C LEU A 448 3.44 1.11 9.29
N ARG A 449 2.69 2.00 9.92
CA ARG A 449 3.20 3.32 10.18
C ARG A 449 2.69 3.68 11.57
N PHE A 450 3.61 4.22 12.35
CA PHE A 450 3.37 4.67 13.72
C PHE A 450 3.20 6.16 13.54
N LYS A 451 1.98 6.62 13.80
CA LYS A 451 1.57 8.01 13.53
C LYS A 451 1.37 8.93 14.76
N PRO A 452 2.35 9.83 15.01
CA PRO A 452 2.17 10.88 15.96
C PRO A 452 0.96 11.74 15.59
N PRO A 453 0.33 12.35 16.60
CA PRO A 453 -0.69 13.38 16.39
C PRO A 453 -0.03 14.74 16.03
N THR A 454 -0.83 15.82 15.93
CA THR A 454 -0.29 17.19 15.79
C THR A 454 -0.05 17.83 17.18
N GLN A 455 0.70 18.95 17.21
CA GLN A 455 0.89 19.71 18.44
C GLN A 455 -0.49 20.13 18.97
N GLN A 456 -1.49 20.10 18.12
CA GLN A 456 -2.77 20.62 18.53
C GLN A 456 -3.50 19.62 19.43
N ALA A 457 -3.07 18.35 19.41
CA ALA A 457 -3.83 17.26 20.03
C ALA A 457 -3.47 17.06 21.52
N THR A 458 -3.57 18.15 22.28
CA THR A 458 -3.30 18.08 23.73
C THR A 458 -4.38 17.25 24.45
N PRO A 459 -4.01 16.58 25.56
CA PRO A 459 -4.89 15.56 26.14
C PRO A 459 -6.30 16.02 26.40
N ASP A 460 -6.50 17.29 26.73
CA ASP A 460 -7.84 17.83 26.98
C ASP A 460 -8.77 17.78 25.76
N LYS A 461 -8.20 17.96 24.57
CA LYS A 461 -8.95 17.87 23.32
C LYS A 461 -9.18 16.41 22.95
N LYS A 462 -10.34 15.89 23.38
CA LYS A 462 -10.69 14.47 23.31
C LYS A 462 -10.96 13.92 21.92
N ASP A 463 -11.25 14.81 20.98
CA ASP A 463 -11.65 14.39 19.63
C ASP A 463 -10.56 14.39 18.62
N SER A 464 -9.42 14.99 18.98
CA SER A 464 -8.26 15.02 18.11
C SER A 464 -7.82 13.59 17.86
N PRO A 465 -7.25 13.33 16.68
CA PRO A 465 -6.48 12.09 16.46
C PRO A 465 -5.30 11.91 17.42
N GLY A 466 -5.23 10.72 18.00
CA GLY A 466 -4.20 10.39 19.00
C GLY A 466 -2.98 9.72 18.41
N TRP A 467 -2.46 8.72 19.14
CA TRP A 467 -1.31 7.94 18.67
C TRP A 467 -1.88 6.79 17.84
N ARG A 468 -1.52 6.73 16.54
CA ARG A 468 -2.20 5.74 15.66
C ARG A 468 -1.25 4.74 15.01
N VAL A 469 -1.80 3.58 14.63
CA VAL A 469 -1.04 2.58 13.91
C VAL A 469 -1.77 2.32 12.61
N GLU A 470 -1.03 2.55 11.52
CA GLU A 470 -1.47 2.17 10.18
C GLU A 470 -0.96 0.83 9.73
N PHE A 471 -1.88 0.02 9.22
CA PHE A 471 -1.60 -1.31 8.74
C PHE A 471 -1.66 -1.21 7.22
N ARG A 472 -0.51 -1.36 6.56
CA ARG A 472 -0.35 -0.99 5.14
C ARG A 472 -0.20 -2.10 4.05
N PRO A 473 -0.04 -3.40 4.44
CA PRO A 473 0.42 -4.35 3.44
C PRO A 473 -0.67 -4.95 2.51
N PHE A 474 -1.92 -4.93 2.94
CA PHE A 474 -2.96 -5.60 2.19
C PHE A 474 -3.04 -5.18 0.71
N GLU A 475 -3.08 -6.13 -0.23
CA GLU A 475 -3.44 -5.87 -1.61
C GLU A 475 -4.91 -5.51 -1.59
N VAL A 476 -5.37 -4.69 -2.53
CA VAL A 476 -6.82 -4.33 -2.55
C VAL A 476 -7.59 -5.39 -3.33
N GLN A 477 -8.81 -5.71 -2.88
CA GLN A 477 -9.61 -6.72 -3.57
C GLN A 477 -10.74 -6.06 -4.42
N LEU A 478 -11.30 -6.84 -5.33
CA LEU A 478 -12.30 -6.31 -6.23
C LEU A 478 -13.60 -5.91 -5.58
N LEU A 479 -14.13 -6.79 -4.71
CA LEU A 479 -15.48 -6.62 -4.13
C LEU A 479 -15.34 -5.84 -2.85
N ASP A 480 -16.29 -4.93 -2.62
CA ASP A 480 -16.39 -4.24 -1.32
C ASP A 480 -16.64 -5.23 -0.19
N PHE A 481 -17.33 -6.34 -0.49
CA PHE A 481 -17.49 -7.44 0.52
C PHE A 481 -16.11 -7.98 1.00
N GLU A 482 -15.21 -8.30 0.09
CA GLU A 482 -13.81 -8.70 0.45
C GLU A 482 -13.05 -7.63 1.20
N ASN A 483 -13.06 -6.38 0.72
CA ASN A 483 -12.30 -5.37 1.41
C ASN A 483 -12.80 -5.13 2.80
N ALA A 484 -14.12 -5.23 2.96
CA ALA A 484 -14.69 -5.02 4.33
C ALA A 484 -14.33 -6.21 5.17
N ALA A 485 -14.42 -7.44 4.61
CA ALA A 485 -13.97 -8.66 5.35
C ALA A 485 -12.59 -8.48 5.89
N TYR A 486 -11.63 -8.01 5.04
CA TYR A 486 -10.21 -7.90 5.43
C TYR A 486 -10.01 -6.73 6.40
N SER A 487 -10.82 -5.69 6.26
CA SER A 487 -10.78 -4.52 7.17
C SER A 487 -11.24 -4.89 8.58
N VAL A 488 -12.37 -5.59 8.66
CA VAL A 488 -12.89 -6.08 9.95
C VAL A 488 -11.95 -7.14 10.56
N LEU A 489 -11.36 -8.01 9.71
CA LEU A 489 -10.35 -8.94 10.20
C LEU A 489 -9.28 -8.27 11.04
N ILE A 490 -8.56 -7.33 10.44
CA ILE A 490 -7.58 -6.63 11.19
C ILE A 490 -8.17 -5.89 12.36
N TYR A 491 -9.40 -5.33 12.22
CA TYR A 491 -10.03 -4.62 13.37
C TYR A 491 -10.03 -5.60 14.55
N LEU A 492 -10.56 -6.80 14.31
CA LEU A 492 -10.74 -7.81 15.37
C LEU A 492 -9.41 -8.24 15.95
N ILE A 493 -8.40 -8.46 15.08
CA ILE A 493 -7.01 -8.68 15.55
C ILE A 493 -6.48 -7.49 16.43
N VAL A 494 -6.65 -6.26 15.98
CA VAL A 494 -6.25 -5.11 16.78
C VAL A 494 -7.01 -5.04 18.12
N ASP A 495 -8.31 -5.25 18.09
CA ASP A 495 -9.09 -5.18 19.31
C ASP A 495 -8.58 -6.28 20.23
N SER A 496 -8.37 -7.46 19.67
CA SER A 496 -7.80 -8.57 20.47
C SER A 496 -6.48 -8.21 21.16
N ILE A 497 -5.55 -7.66 20.40
CA ILE A 497 -4.24 -7.27 20.89
C ILE A 497 -4.35 -6.24 22.02
N LEU A 498 -5.24 -5.27 21.81
CA LEU A 498 -5.40 -4.12 22.71
C LEU A 498 -6.11 -4.56 23.97
N THR A 499 -7.07 -5.47 23.83
CA THR A 499 -7.78 -6.03 24.96
C THR A 499 -6.98 -6.99 25.81
N PHE A 500 -6.16 -7.84 25.18
CA PHE A 500 -5.42 -8.84 25.95
C PHE A 500 -3.97 -8.49 26.13
N SER A 501 -3.67 -7.20 26.12
CA SER A 501 -2.30 -6.78 26.03
C SER A 501 -1.36 -7.25 27.17
N ASP A 502 -1.92 -7.61 28.34
CA ASP A 502 -1.06 -8.14 29.42
C ASP A 502 -0.47 -9.50 29.14
N ASN A 503 -1.00 -10.18 28.12
CA ASN A 503 -0.82 -11.61 27.93
C ASN A 503 -0.38 -12.04 26.56
N ILE A 504 -0.31 -11.10 25.64
CA ILE A 504 0.08 -11.41 24.29
C ILE A 504 1.51 -10.97 24.12
N ASN A 505 2.39 -11.98 23.98
CA ASN A 505 3.76 -11.72 23.57
C ASN A 505 3.91 -12.06 22.09
N ALA A 506 3.93 -11.04 21.24
CA ALA A 506 4.10 -11.25 19.82
C ALA A 506 5.50 -11.02 19.26
N TYR A 507 6.50 -10.88 20.13
CA TYR A 507 7.82 -10.61 19.65
C TYR A 507 8.50 -11.80 18.93
N ILE A 508 9.12 -11.56 17.76
CA ILE A 508 9.99 -12.53 17.17
C ILE A 508 11.11 -11.73 16.60
N HIS A 509 12.20 -12.40 16.19
CA HIS A 509 13.32 -11.65 15.68
C HIS A 509 12.96 -11.04 14.33
N MET A 510 13.27 -9.76 14.21
CA MET A 510 13.01 -9.03 13.03
C MET A 510 13.58 -9.72 11.79
N SER A 511 14.77 -10.32 11.90
CA SER A 511 15.39 -10.97 10.72
C SER A 511 14.37 -11.97 10.14
N LYS A 512 13.52 -12.54 11.00
CA LYS A 512 12.54 -13.54 10.52
C LYS A 512 11.40 -12.92 9.74
N VAL A 513 10.89 -11.82 10.24
CA VAL A 513 9.89 -10.99 9.56
C VAL A 513 10.33 -10.61 8.15
N TRP A 514 11.52 -10.01 8.01
CA TRP A 514 12.13 -9.74 6.73
C TRP A 514 12.15 -10.97 5.81
N GLU A 515 12.47 -12.13 6.36
CA GLU A 515 12.43 -13.33 5.56
C GLU A 515 11.03 -13.63 5.16
N ASN A 516 10.11 -13.60 6.11
CA ASN A 516 8.69 -13.73 5.73
C ASN A 516 8.31 -12.82 4.56
N MET A 517 8.74 -11.55 4.56
CA MET A 517 8.34 -10.61 3.50
C MET A 517 8.78 -11.15 2.10
N LYS A 518 9.94 -11.79 2.01
CA LYS A 518 10.42 -12.40 0.73
C LYS A 518 9.58 -13.61 0.34
N ILE A 519 9.27 -14.45 1.32
CA ILE A 519 8.44 -15.63 1.08
C ILE A 519 7.03 -15.27 0.60
N ALA A 520 6.48 -14.18 1.14
CA ALA A 520 5.08 -13.79 0.81
C ALA A 520 4.89 -13.45 -0.70
N HIS A 521 6.00 -13.23 -1.39
CA HIS A 521 5.95 -12.88 -2.77
C HIS A 521 5.77 -14.08 -3.65
N HIS A 522 6.13 -15.28 -3.20
CA HIS A 522 6.16 -16.43 -4.11
C HIS A 522 4.79 -16.76 -4.65
N ARG A 523 4.77 -17.18 -5.91
CA ARG A 523 3.52 -17.59 -6.60
C ARG A 523 2.87 -18.68 -5.78
N ASP A 524 1.56 -18.60 -5.50
CA ASP A 524 0.89 -19.57 -4.67
C ASP A 524 1.46 -19.77 -3.26
N ALA A 525 2.24 -18.80 -2.76
CA ALA A 525 2.69 -18.85 -1.34
C ALA A 525 1.61 -19.26 -0.40
N ILE A 526 0.44 -18.64 -0.49
CA ILE A 526 -0.64 -18.97 0.39
C ILE A 526 -0.94 -20.49 0.45
N LEU A 527 -0.75 -21.18 -0.66
CA LEU A 527 -1.25 -22.53 -0.78
C LEU A 527 -0.17 -23.51 -0.23
N PHE A 528 1.12 -23.18 -0.25
CA PHE A 528 2.08 -24.20 0.21
C PHE A 528 3.28 -23.69 0.99
N GLU A 529 3.64 -22.40 0.88
CA GLU A 529 4.86 -21.93 1.54
C GLU A 529 4.66 -21.93 3.05
N LYS A 530 5.79 -21.92 3.77
CA LYS A 530 5.84 -21.81 5.22
C LYS A 530 6.54 -20.54 5.67
N PHE A 531 6.11 -20.07 6.85
CA PHE A 531 6.52 -18.79 7.36
C PHE A 531 6.90 -18.92 8.80
N HIS A 532 7.92 -18.21 9.23
CA HIS A 532 8.25 -18.17 10.65
C HIS A 532 7.12 -17.47 11.36
N TRP A 533 6.52 -18.13 12.33
CA TRP A 533 5.43 -17.60 13.09
C TRP A 533 5.66 -18.08 14.55
N LYS A 534 5.32 -17.28 15.56
CA LYS A 534 5.50 -17.71 16.97
C LYS A 534 4.85 -18.99 17.28
N LYS A 535 5.56 -19.75 18.11
CA LYS A 535 5.04 -20.99 18.60
C LYS A 535 3.89 -20.75 19.59
N SER A 536 3.98 -19.72 20.40
CA SER A 536 2.90 -19.36 21.32
C SER A 536 2.96 -17.86 21.58
N PHE A 537 1.82 -17.25 21.88
CA PHE A 537 1.77 -15.82 22.15
C PHE A 537 1.57 -15.54 23.62
N ARG A 538 1.27 -16.57 24.38
CA ARG A 538 0.76 -16.37 25.72
C ARG A 538 1.77 -17.00 26.61
N ASN A 539 2.95 -16.33 26.70
CA ASN A 539 4.23 -16.90 27.26
C ASN A 539 5.34 -15.86 27.52
N ASP A 540 5.57 -15.53 28.78
CA ASP A 540 6.55 -14.48 29.07
C ASP A 540 7.97 -14.88 28.67
N THR A 541 8.57 -14.14 27.72
CA THR A 541 10.01 -14.31 27.33
C THR A 541 10.28 -15.28 26.11
N ASP A 542 9.30 -16.16 25.87
CA ASP A 542 9.31 -17.13 24.81
C ASP A 542 9.23 -16.42 23.47
N VAL A 543 10.30 -16.47 22.67
CA VAL A 543 10.26 -15.89 21.28
C VAL A 543 10.59 -16.93 20.20
N GLU A 544 10.50 -18.20 20.59
CA GLU A 544 10.54 -19.35 19.68
C GLU A 544 9.51 -19.24 18.54
N THR A 545 9.97 -19.44 17.30
CA THR A 545 9.10 -19.58 16.16
C THR A 545 9.26 -20.99 15.59
N GLU A 546 8.26 -21.44 14.83
CA GLU A 546 8.38 -22.59 13.93
C GLU A 546 7.86 -22.10 12.58
N ASP A 547 7.87 -22.96 11.59
CA ASP A 547 7.53 -22.59 10.27
C ASP A 547 6.25 -23.24 10.04
N TYR A 548 5.25 -22.40 9.73
CA TYR A 548 3.84 -22.80 9.59
C TYR A 548 3.31 -22.35 8.26
N SER A 549 2.34 -23.07 7.74
CA SER A 549 1.73 -22.70 6.48
C SER A 549 0.72 -21.60 6.80
N ILE A 550 0.25 -20.85 5.80
CA ILE A 550 -0.76 -19.87 6.05
C ILE A 550 -1.98 -20.56 6.67
N SER A 551 -2.32 -21.77 6.22
CA SER A 551 -3.51 -22.42 6.77
C SER A 551 -3.35 -22.63 8.26
N GLU A 552 -2.19 -23.17 8.70
CA GLU A 552 -1.88 -23.37 10.14
C GLU A 552 -1.79 -22.04 10.88
N ILE A 553 -1.17 -21.02 10.26
CA ILE A 553 -1.10 -19.66 10.90
C ILE A 553 -2.49 -19.09 11.13
N PHE A 554 -3.48 -19.42 10.28
CA PHE A 554 -4.83 -18.94 10.59
C PHE A 554 -5.58 -19.80 11.56
N HIS A 555 -5.33 -21.12 11.50
CA HIS A 555 -6.20 -22.05 12.22
C HIS A 555 -5.61 -22.87 13.37
N ASN A 556 -4.29 -22.87 13.59
CA ASN A 556 -3.73 -23.68 14.71
C ASN A 556 -4.33 -23.28 16.05
N PRO A 557 -4.82 -24.27 16.81
CA PRO A 557 -5.27 -23.95 18.18
C PRO A 557 -4.23 -23.18 19.05
N GLU A 558 -2.94 -23.47 18.94
CA GLU A 558 -1.99 -22.84 19.89
C GLU A 558 -1.52 -21.45 19.53
N ASN A 559 -1.50 -21.12 18.24
CA ASN A 559 -0.82 -19.89 17.78
C ASN A 559 -1.51 -19.26 16.52
N GLY A 560 -2.68 -19.79 16.19
CA GLY A 560 -3.43 -19.38 14.99
C GLY A 560 -4.21 -18.10 15.22
N ILE A 561 -4.29 -17.30 14.16
CA ILE A 561 -5.08 -16.08 14.14
C ILE A 561 -6.54 -16.29 14.63
N PHE A 562 -7.23 -17.32 14.15
CA PHE A 562 -8.62 -17.51 14.67
C PHE A 562 -8.70 -17.91 16.17
N PRO A 563 -8.03 -19.03 16.54
CA PRO A 563 -8.19 -19.46 17.94
C PRO A 563 -7.54 -18.58 18.97
N GLN A 564 -6.54 -17.80 18.59
CA GLN A 564 -5.83 -16.97 19.55
C GLN A 564 -6.13 -15.48 19.47
N PHE A 565 -6.70 -15.02 18.35
CA PHE A 565 -6.96 -13.59 18.21
C PHE A 565 -8.42 -13.26 18.07
N VAL A 566 -8.98 -13.78 17.00
CA VAL A 566 -10.36 -13.56 16.61
C VAL A 566 -11.34 -14.19 17.57
N THR A 567 -11.35 -15.51 17.72
CA THR A 567 -12.33 -16.14 18.60
C THR A 567 -12.31 -15.57 20.04
N PRO A 568 -11.14 -15.49 20.68
CA PRO A 568 -11.12 -14.86 21.98
C PRO A 568 -11.74 -13.44 22.07
N ILE A 569 -11.58 -12.59 21.07
CA ILE A 569 -12.23 -11.28 21.15
C ILE A 569 -13.73 -11.43 20.95
N LEU A 570 -14.17 -12.34 20.10
CA LEU A 570 -15.60 -12.52 19.88
C LEU A 570 -16.35 -13.08 21.10
N CYS A 571 -15.66 -13.95 21.84
CA CYS A 571 -16.23 -14.52 23.08
C CYS A 571 -16.33 -13.37 24.05
N GLN A 572 -15.23 -12.65 24.15
CA GLN A 572 -15.07 -11.61 25.11
C GLN A 572 -16.05 -10.48 24.92
N LYS A 573 -16.40 -10.14 23.68
CA LYS A 573 -17.42 -9.13 23.37
C LYS A 573 -18.78 -9.77 23.25
N GLY A 574 -18.90 -11.06 23.52
CA GLY A 574 -20.23 -11.65 23.56
C GLY A 574 -20.93 -11.95 22.25
N PHE A 575 -20.18 -12.03 21.16
CA PHE A 575 -20.81 -12.38 19.90
C PHE A 575 -20.97 -13.88 19.83
N VAL A 576 -20.14 -14.61 20.56
CA VAL A 576 -20.17 -16.07 20.55
C VAL A 576 -19.83 -16.59 21.96
N THR A 577 -20.18 -17.86 22.19
CA THR A 577 -19.90 -18.54 23.47
C THR A 577 -18.51 -19.16 23.45
N LYS A 578 -18.24 -19.90 22.39
CA LYS A 578 -17.08 -20.79 22.30
C LYS A 578 -16.26 -20.58 21.00
N ASP A 579 -16.98 -20.51 19.86
CA ASP A 579 -16.35 -20.53 18.56
C ASP A 579 -16.92 -19.53 17.53
N TRP A 580 -16.03 -19.00 16.67
CA TRP A 580 -16.41 -18.06 15.59
C TRP A 580 -17.50 -18.61 14.70
N LYS A 581 -17.51 -19.91 14.44
CA LYS A 581 -18.55 -20.46 13.56
C LYS A 581 -19.97 -20.34 14.07
N GLU A 582 -20.16 -20.07 15.36
CA GLU A 582 -21.54 -19.86 15.90
C GLU A 582 -22.30 -18.73 15.18
N LEU A 583 -21.55 -17.75 14.66
CA LEU A 583 -22.08 -16.64 13.88
C LEU A 583 -22.93 -17.05 12.68
N LYS A 584 -22.71 -18.23 12.11
CA LYS A 584 -23.57 -18.62 10.99
C LYS A 584 -25.07 -18.44 11.29
N HIS A 585 -25.45 -18.73 12.55
CA HIS A 585 -26.85 -18.73 13.02
C HIS A 585 -27.16 -17.57 13.92
N SER A 586 -26.25 -16.59 13.97
CA SER A 586 -26.48 -15.36 14.69
C SER A 586 -27.51 -14.52 13.93
N SER A 587 -28.45 -13.96 14.68
CA SER A 587 -29.45 -13.08 14.10
C SER A 587 -28.82 -11.72 13.77
N LYS A 588 -27.95 -11.24 14.66
CA LYS A 588 -27.38 -9.89 14.49
C LYS A 588 -26.09 -9.90 13.64
N HIS A 589 -25.43 -11.06 13.55
CA HIS A 589 -24.05 -11.16 13.10
C HIS A 589 -23.77 -12.10 11.93
N GLU A 590 -24.78 -12.49 11.22
CA GLU A 590 -24.55 -13.39 10.10
C GLU A 590 -23.50 -12.93 9.05
N ARG A 591 -23.43 -11.65 8.73
CA ARG A 591 -22.52 -11.26 7.65
C ARG A 591 -21.07 -11.46 8.12
N LEU A 592 -20.84 -11.21 9.40
CA LEU A 592 -19.55 -11.39 10.04
C LEU A 592 -19.08 -12.84 9.89
N TYR A 593 -20.00 -13.80 10.05
CA TYR A 593 -19.70 -15.16 9.68
C TYR A 593 -19.18 -15.35 8.25
N TYR A 594 -19.83 -14.75 7.27
CA TYR A 594 -19.38 -14.93 5.88
C TYR A 594 -18.07 -14.19 5.57
N TYR A 595 -17.88 -13.05 6.24
CA TYR A 595 -16.56 -12.37 6.20
C TYR A 595 -15.48 -13.38 6.63
N LEU A 596 -15.67 -13.96 7.81
CA LEU A 596 -14.65 -14.81 8.44
C LEU A 596 -14.48 -16.12 7.68
N LYS A 597 -15.60 -16.70 7.23
CA LYS A 597 -15.61 -17.90 6.37
C LYS A 597 -14.85 -17.68 5.08
N LEU A 598 -15.08 -16.53 4.43
CA LEU A 598 -14.30 -16.16 3.24
C LEU A 598 -12.79 -16.16 3.60
N ILE A 599 -12.45 -15.54 4.73
CA ILE A 599 -11.05 -15.48 5.14
C ILE A 599 -10.53 -16.90 5.40
N SER A 600 -11.25 -17.65 6.20
CA SER A 600 -10.75 -18.98 6.54
C SER A 600 -10.56 -19.86 5.28
N ASP A 601 -11.57 -19.86 4.41
CA ASP A 601 -11.50 -20.62 3.15
C ASP A 601 -10.43 -20.15 2.23
N ARG A 602 -10.08 -18.88 2.24
CA ARG A 602 -8.91 -18.54 1.42
C ARG A 602 -7.61 -18.99 2.05
N ALA A 603 -7.54 -18.88 3.38
CA ALA A 603 -6.36 -19.23 4.20
C ALA A 603 -6.09 -20.70 4.16
N SER A 604 -7.13 -21.53 4.01
CA SER A 604 -6.95 -22.96 3.85
C SER A 604 -6.78 -23.45 2.40
N GLY A 605 -6.89 -22.58 1.41
CA GLY A 605 -6.74 -22.98 0.01
C GLY A 605 -7.99 -23.53 -0.64
N GLU A 606 -9.08 -23.58 0.11
CA GLU A 606 -10.44 -23.84 -0.34
C GLU A 606 -10.94 -22.83 -1.39
N LEU A 607 -10.71 -21.52 -1.22
CA LEU A 607 -11.08 -20.51 -2.27
C LEU A 607 -9.82 -19.86 -2.76
N PRO A 608 -9.81 -19.43 -4.02
CA PRO A 608 -8.59 -18.83 -4.52
C PRO A 608 -8.42 -17.36 -4.11
N THR A 609 -7.19 -16.90 -4.12
CA THR A 609 -6.93 -15.46 -3.96
C THR A 609 -7.32 -14.81 -5.29
N THR A 610 -7.39 -13.48 -5.29
CA THR A 610 -7.64 -12.75 -6.53
C THR A 610 -6.46 -13.01 -7.46
N ALA A 611 -5.23 -12.96 -6.91
CA ALA A 611 -4.04 -13.28 -7.71
C ALA A 611 -4.17 -14.63 -8.43
N LYS A 612 -4.63 -15.66 -7.73
CA LYS A 612 -4.81 -16.96 -8.38
C LYS A 612 -5.95 -16.93 -9.40
N PHE A 613 -7.09 -16.38 -9.02
CA PHE A 613 -8.19 -16.22 -9.98
C PHE A 613 -7.74 -15.52 -11.30
N PHE A 614 -6.96 -14.45 -11.20
CA PHE A 614 -6.46 -13.79 -12.40
C PHE A 614 -5.55 -14.72 -13.18
N ARG A 615 -4.65 -15.41 -12.48
CA ARG A 615 -3.67 -16.27 -13.15
C ARG A 615 -4.40 -17.40 -13.94
N ASN A 616 -5.29 -18.15 -13.28
CA ASN A 616 -6.16 -19.07 -13.96
C ASN A 616 -6.85 -18.45 -15.15
N PHE A 617 -7.34 -17.22 -14.99
CA PHE A 617 -8.11 -16.64 -16.04
C PHE A 617 -7.17 -16.51 -17.23
N VAL A 618 -5.96 -15.99 -17.05
CA VAL A 618 -5.08 -15.76 -18.18
C VAL A 618 -4.61 -17.05 -18.88
N LEU A 619 -4.38 -18.06 -18.04
CA LEU A 619 -3.81 -19.32 -18.46
C LEU A 619 -4.89 -20.11 -19.21
N GLN A 620 -6.15 -20.03 -18.74
CA GLN A 620 -7.30 -20.66 -19.41
C GLN A 620 -7.95 -19.87 -20.60
N HIS A 621 -7.38 -18.73 -20.97
CA HIS A 621 -8.04 -17.91 -21.97
C HIS A 621 -7.76 -18.46 -23.41
N PRO A 622 -8.83 -18.65 -24.24
CA PRO A 622 -8.69 -19.06 -25.65
C PRO A 622 -7.54 -18.44 -26.39
N ASP A 623 -7.24 -17.17 -26.17
CA ASP A 623 -6.22 -16.45 -26.92
C ASP A 623 -4.85 -16.50 -26.26
N TYR A 624 -4.76 -17.20 -25.12
CA TYR A 624 -3.49 -17.26 -24.40
C TYR A 624 -2.51 -18.10 -25.25
N LYS A 625 -1.27 -17.62 -25.44
CA LYS A 625 -0.33 -18.30 -26.34
C LYS A 625 0.80 -19.03 -25.64
N HIS A 626 0.58 -19.49 -24.42
CA HIS A 626 1.57 -20.27 -23.63
C HIS A 626 2.94 -19.66 -23.56
N ASP A 627 2.99 -18.34 -23.56
CA ASP A 627 4.20 -17.55 -23.61
C ASP A 627 4.25 -16.47 -22.54
N SER A 628 3.37 -16.56 -21.54
CA SER A 628 3.30 -15.53 -20.45
C SER A 628 2.68 -14.18 -20.82
N LYS A 629 2.18 -14.01 -22.05
CA LYS A 629 1.75 -12.66 -22.47
C LYS A 629 0.26 -12.44 -22.27
N ILE A 630 -0.03 -11.26 -21.72
CA ILE A 630 -1.37 -10.75 -21.61
C ILE A 630 -1.58 -9.71 -22.70
N SER A 631 -2.42 -10.06 -23.64
CA SER A 631 -2.69 -9.25 -24.79
C SER A 631 -3.92 -8.41 -24.44
N LYS A 632 -4.18 -7.40 -25.29
CA LYS A 632 -5.24 -6.43 -25.12
C LYS A 632 -6.55 -7.17 -24.97
N SER A 633 -6.62 -8.27 -25.69
CA SER A 633 -7.80 -9.03 -25.74
C SER A 633 -8.02 -9.83 -24.44
N ILE A 634 -6.99 -10.50 -23.95
CA ILE A 634 -7.06 -11.19 -22.65
C ILE A 634 -7.29 -10.15 -21.57
N ASN A 635 -6.54 -9.04 -21.62
CA ASN A 635 -6.76 -7.98 -20.66
C ASN A 635 -8.23 -7.49 -20.60
N TYR A 636 -8.84 -7.30 -21.77
CA TYR A 636 -10.22 -6.84 -21.93
C TYR A 636 -11.24 -7.81 -21.32
N ASP A 637 -11.16 -9.07 -21.71
CA ASP A 637 -11.97 -10.07 -21.04
C ASP A 637 -11.77 -10.20 -19.52
N LEU A 638 -10.52 -10.17 -19.05
CA LEU A 638 -10.26 -10.23 -17.61
C LEU A 638 -10.96 -9.09 -16.92
N LEU A 639 -10.71 -7.87 -17.40
CA LEU A 639 -11.29 -6.76 -16.72
C LEU A 639 -12.83 -6.71 -16.87
N SER A 640 -13.41 -7.28 -17.95
CA SER A 640 -14.88 -7.37 -18.04
C SER A 640 -15.35 -8.28 -16.94
N THR A 641 -14.67 -9.41 -16.78
CA THR A 641 -14.98 -10.30 -15.64
C THR A 641 -14.93 -9.56 -14.32
N CYS A 642 -13.88 -8.75 -14.14
CA CYS A 642 -13.71 -8.01 -12.88
C CYS A 642 -14.83 -7.04 -12.65
N ASP A 643 -15.28 -6.43 -13.75
CA ASP A 643 -16.42 -5.51 -13.68
C ASP A 643 -17.69 -6.30 -13.22
N ARG A 644 -17.92 -7.47 -13.79
CA ARG A 644 -19.07 -8.27 -13.38
C ARG A 644 -18.92 -8.73 -11.94
N LEU A 645 -17.72 -9.15 -11.56
CA LEU A 645 -17.54 -9.65 -10.18
C LEU A 645 -17.88 -8.53 -9.20
N THR A 646 -17.27 -7.35 -9.42
CA THR A 646 -17.43 -6.19 -8.56
C THR A 646 -18.91 -5.96 -8.23
N HIS A 647 -19.76 -6.29 -9.20
CA HIS A 647 -21.16 -5.87 -9.26
C HIS A 647 -22.02 -7.10 -9.01
N LEU A 648 -21.41 -8.16 -8.50
CA LEU A 648 -22.07 -9.38 -8.05
C LEU A 648 -22.89 -9.94 -9.18
N ASP A 649 -22.37 -9.86 -10.40
CA ASP A 649 -23.08 -10.33 -11.57
C ASP A 649 -22.66 -11.80 -11.90
N ASP A 650 -23.46 -12.74 -11.42
CA ASP A 650 -23.21 -14.17 -11.59
C ASP A 650 -23.82 -14.73 -12.90
N SER A 651 -24.27 -13.85 -13.81
CA SER A 651 -24.87 -14.34 -15.04
C SER A 651 -23.96 -15.32 -15.81
N LYS A 652 -22.65 -15.24 -15.61
CA LYS A 652 -21.81 -16.18 -16.32
C LYS A 652 -21.18 -17.14 -15.31
N GLY A 653 -21.80 -17.23 -14.12
CA GLY A 653 -21.29 -18.04 -12.99
C GLY A 653 -19.92 -17.61 -12.46
N GLU A 654 -19.45 -16.41 -12.81
CA GLU A 654 -18.07 -16.02 -12.45
C GLU A 654 -17.92 -15.77 -10.94
N LEU A 655 -18.97 -15.24 -10.29
CA LEU A 655 -18.96 -14.97 -8.88
C LEU A 655 -19.03 -16.29 -8.12
N THR A 656 -19.86 -17.22 -8.56
CA THR A 656 -19.83 -18.58 -8.00
C THR A 656 -18.44 -19.24 -8.16
N SER A 657 -17.87 -19.14 -9.35
CA SER A 657 -16.54 -19.66 -9.59
C SER A 657 -15.46 -19.03 -8.68
N PHE A 658 -15.62 -17.75 -8.33
CA PHE A 658 -14.61 -17.01 -7.58
C PHE A 658 -14.85 -17.10 -6.09
N LEU A 659 -16.07 -16.89 -5.66
CA LEU A 659 -16.34 -16.95 -4.21
C LEU A 659 -16.85 -18.34 -3.75
N GLY A 660 -16.96 -19.32 -4.65
CA GLY A 660 -17.75 -20.55 -4.35
C GLY A 660 -19.24 -20.27 -4.11
N ALA A 661 -20.07 -21.30 -4.30
CA ALA A 661 -21.51 -21.14 -4.25
C ALA A 661 -22.06 -20.55 -2.96
N GLU A 662 -21.58 -21.00 -1.83
CA GLU A 662 -22.24 -20.60 -0.60
C GLU A 662 -22.07 -19.08 -0.37
N ILE A 663 -20.85 -18.57 -0.55
CA ILE A 663 -20.61 -17.14 -0.33
C ILE A 663 -21.27 -16.28 -1.45
N ALA A 664 -21.13 -16.72 -2.69
CA ALA A 664 -21.79 -16.08 -3.81
C ALA A 664 -23.29 -15.94 -3.54
N GLU A 665 -23.99 -17.04 -3.32
CA GLU A 665 -25.41 -16.97 -3.09
C GLU A 665 -25.68 -16.03 -1.96
N TYR A 666 -24.83 -16.09 -0.96
CA TYR A 666 -25.08 -15.28 0.22
C TYR A 666 -25.01 -13.76 -0.10
N VAL A 667 -23.95 -13.31 -0.79
CA VAL A 667 -23.78 -11.87 -1.04
C VAL A 667 -24.80 -11.36 -2.11
N LYS A 668 -25.12 -12.22 -3.09
CA LYS A 668 -26.20 -12.00 -4.06
C LYS A 668 -27.56 -11.85 -3.38
N LYS A 669 -27.83 -12.56 -2.29
CA LYS A 669 -29.15 -12.40 -1.67
C LYS A 669 -29.20 -11.50 -0.44
N ASN A 670 -28.08 -10.95 -0.02
CA ASN A 670 -28.02 -10.16 1.22
C ASN A 670 -27.07 -9.00 1.12
N LYS A 671 -27.63 -7.82 1.34
CA LYS A 671 -26.94 -6.57 1.18
C LYS A 671 -26.51 -6.24 2.54
N PRO A 672 -25.39 -5.53 2.68
CA PRO A 672 -24.94 -5.07 3.99
C PRO A 672 -25.92 -4.01 4.46
N SER A 673 -26.23 -3.88 5.75
CA SER A 673 -27.23 -2.85 6.12
C SER A 673 -27.06 -2.20 7.51
#